data_9MRR
#
_entry.id   9MRR
#
_cell.length_a   1.00
_cell.length_b   1.00
_cell.length_c   1.00
_cell.angle_alpha   90.00
_cell.angle_beta   90.00
_cell.angle_gamma   90.00
#
_symmetry.space_group_name_H-M   'P 1'
#
_entity_poly.entity_id   1
_entity_poly.type   'polypeptide(L)'
_entity_poly.pdbx_seq_one_letter_code
;MQRNTYNKVGLYILSLAMLFVFIIILTAKIPFCFTSDCSFIGLKKLVLTNIVPIVCFVFFLFSIYFYNRLKNITKYNGQD
SVKITSCQSESYESLTFLATYIVPFMGFSFEDMQKNIAYLLLVVVIGIIFIKTDKYYANPTLALFGFKLYRVNILHPGSG
ETKNLIAISNDVLKVDDNVYYSFFDEFVFIARKKI
;
_entity_poly.pdbx_strand_id   A,B,C,D
#
# COMPACT_ATOMS: atom_id res chain seq x y z
N MET A 1 -5.26 31.42 -11.41
CA MET A 1 -4.43 30.23 -11.52
C MET A 1 -3.43 30.16 -10.37
N GLN A 2 -2.81 31.30 -10.06
CA GLN A 2 -1.80 31.35 -9.00
C GLN A 2 -2.43 31.14 -7.63
N ARG A 3 -3.55 31.81 -7.35
CA ARG A 3 -4.23 31.64 -6.08
C ARG A 3 -4.84 30.24 -5.96
N ASN A 4 -5.31 29.69 -7.08
CA ASN A 4 -5.90 28.35 -7.08
C ASN A 4 -4.85 27.30 -6.75
N THR A 5 -3.67 27.38 -7.38
CA THR A 5 -2.60 26.45 -7.05
C THR A 5 -2.06 26.69 -5.65
N TYR A 6 -2.09 27.95 -5.18
CA TYR A 6 -1.61 28.26 -3.83
C TYR A 6 -2.49 27.63 -2.76
N ASN A 7 -3.80 27.88 -2.83
CA ASN A 7 -4.66 27.24 -1.83
C ASN A 7 -4.95 25.79 -2.15
N LYS A 8 -4.50 25.29 -3.30
CA LYS A 8 -4.48 23.87 -3.54
C LYS A 8 -3.31 23.18 -2.84
N VAL A 9 -2.10 23.75 -2.92
CA VAL A 9 -0.94 23.10 -2.32
C VAL A 9 -0.93 23.28 -0.81
N GLY A 10 -1.67 24.28 -0.30
CA GLY A 10 -1.73 24.46 1.14
C GLY A 10 -2.35 23.31 1.93
N LEU A 11 -3.30 22.59 1.33
CA LEU A 11 -3.83 21.39 1.97
C LEU A 11 -2.74 20.33 2.15
N TYR A 12 -1.89 20.18 1.14
CA TYR A 12 -0.76 19.26 1.24
C TYR A 12 0.26 19.74 2.26
N ILE A 13 0.40 21.06 2.40
CA ILE A 13 1.28 21.61 3.43
C ILE A 13 0.75 21.27 4.82
N LEU A 14 -0.56 21.42 5.03
CA LEU A 14 -1.15 21.05 6.31
C LEU A 14 -1.11 19.55 6.54
N SER A 15 -1.14 18.78 5.45
CA SER A 15 -0.96 17.34 5.54
C SER A 15 0.42 17.01 6.07
N LEU A 16 1.45 17.69 5.58
CA LEU A 16 2.80 17.39 6.04
C LEU A 16 3.17 18.07 7.35
N ALA A 17 2.31 18.97 7.85
CA ALA A 17 2.59 19.66 9.11
C ALA A 17 2.77 18.71 10.29
N MET A 18 2.03 17.60 10.28
CA MET A 18 2.20 16.59 11.32
C MET A 18 3.58 15.96 11.23
N LEU A 19 4.07 15.74 10.00
CA LEU A 19 5.43 15.23 9.81
C LEU A 19 6.47 16.23 10.30
N PHE A 20 6.22 17.53 10.08
CA PHE A 20 7.15 18.54 10.59
C PHE A 20 7.19 18.55 12.10
N VAL A 21 6.04 18.42 12.77
CA VAL A 21 6.10 18.40 14.22
C VAL A 21 6.57 17.06 14.77
N PHE A 22 6.62 16.00 13.95
CA PHE A 22 7.46 14.90 14.40
C PHE A 22 8.94 15.22 14.26
N ILE A 23 9.33 15.83 13.14
CA ILE A 23 10.76 15.95 12.86
C ILE A 23 11.42 17.01 13.75
N ILE A 24 10.62 17.91 14.35
CA ILE A 24 11.12 18.78 15.41
C ILE A 24 11.70 17.97 16.55
N ILE A 25 10.94 17.00 17.03
CA ILE A 25 11.40 16.15 18.14
C ILE A 25 12.45 15.17 17.63
N LEU A 26 12.40 14.81 16.35
CA LEU A 26 13.31 13.79 15.83
C LEU A 26 14.73 14.31 15.74
N THR A 27 14.95 15.50 15.16
CA THR A 27 16.32 15.94 14.92
C THR A 27 16.79 17.01 15.90
N ALA A 28 16.09 17.20 17.02
CA ALA A 28 16.53 18.16 18.03
C ALA A 28 17.74 17.60 18.77
N LYS A 29 18.89 18.25 18.59
CA LYS A 29 20.14 17.85 19.23
C LYS A 29 20.55 18.96 20.20
N ILE A 30 20.13 18.82 21.46
CA ILE A 30 20.45 19.79 22.49
C ILE A 30 21.59 19.27 23.37
N GLY A 42 26.52 32.90 23.14
CA GLY A 42 27.27 31.65 23.15
C GLY A 42 26.47 30.46 22.69
N LEU A 43 25.21 30.70 22.31
CA LEU A 43 24.32 29.66 21.84
C LEU A 43 24.27 29.58 20.32
N LYS A 44 25.13 30.36 19.64
CA LYS A 44 25.15 30.38 18.18
C LYS A 44 25.64 29.06 17.61
N LYS A 45 26.46 28.31 18.36
CA LYS A 45 26.82 26.97 17.95
C LYS A 45 25.60 26.05 17.95
N LEU A 46 24.74 26.16 18.96
CA LEU A 46 23.51 25.39 19.01
C LEU A 46 22.55 25.80 17.91
N VAL A 47 22.56 27.08 17.54
CA VAL A 47 21.78 27.53 16.38
C VAL A 47 22.33 26.91 15.10
N LEU A 48 23.67 26.88 14.96
CA LEU A 48 24.29 26.43 13.72
C LEU A 48 24.15 24.92 13.52
N THR A 49 24.23 24.14 14.60
CA THR A 49 24.09 22.69 14.44
C THR A 49 22.65 22.29 14.14
N ASN A 50 21.69 22.87 14.86
CA ASN A 50 20.28 22.52 14.67
C ASN A 50 19.58 23.56 13.78
N ILE A 51 19.98 23.58 12.51
CA ILE A 51 19.36 24.49 11.56
C ILE A 51 18.07 23.89 10.97
N VAL A 52 18.03 22.56 10.80
CA VAL A 52 16.82 21.93 10.26
C VAL A 52 15.65 21.89 11.25
N PRO A 53 15.84 21.84 12.60
CA PRO A 53 14.70 22.17 13.47
C PRO A 53 14.16 23.58 13.27
N ILE A 54 15.04 24.55 13.02
CA ILE A 54 14.59 25.92 12.80
C ILE A 54 13.78 26.03 11.52
N VAL A 55 14.27 25.42 10.43
CA VAL A 55 13.56 25.58 9.16
C VAL A 55 12.26 24.77 9.14
N CYS A 56 12.21 23.60 9.82
CA CYS A 56 10.93 22.92 9.90
C CYS A 56 9.98 23.59 10.89
N PHE A 57 10.51 24.33 11.86
CA PHE A 57 9.65 25.16 12.69
C PHE A 57 9.07 26.32 11.89
N VAL A 58 9.86 26.87 10.97
CA VAL A 58 9.35 27.89 10.05
C VAL A 58 8.26 27.31 9.16
N PHE A 59 8.45 26.08 8.68
CA PHE A 59 7.43 25.40 7.90
C PHE A 59 6.16 25.15 8.73
N PHE A 60 6.34 24.83 10.01
CA PHE A 60 5.20 24.69 10.91
C PHE A 60 4.48 26.02 11.12
N LEU A 61 5.22 27.12 11.18
CA LEU A 61 4.59 28.44 11.26
C LEU A 61 3.81 28.77 9.99
N PHE A 62 4.33 28.34 8.83
CA PHE A 62 3.58 28.45 7.58
C PHE A 62 2.30 27.62 7.63
N SER A 63 2.37 26.45 8.26
CA SER A 63 1.18 25.63 8.44
C SER A 63 0.17 26.29 9.36
N ILE A 64 0.64 26.97 10.42
CA ILE A 64 -0.26 27.74 11.29
C ILE A 64 -0.92 28.86 10.50
N TYR A 65 -0.14 29.54 9.66
CA TYR A 65 -0.66 30.59 8.79
C TYR A 65 -1.73 30.06 7.85
N PHE A 66 -1.51 28.89 7.26
CA PHE A 66 -2.50 28.40 6.31
C PHE A 66 -3.73 27.82 7.02
N TYR A 67 -3.56 27.26 8.22
CA TYR A 67 -4.70 26.80 8.99
C TYR A 67 -5.60 27.98 9.36
N ASN A 68 -4.99 29.08 9.82
CA ASN A 68 -5.77 30.30 10.05
C ASN A 68 -6.29 30.94 8.76
N ARG A 69 -5.58 30.75 7.63
CA ARG A 69 -6.05 31.27 6.35
C ARG A 69 -7.33 30.58 5.92
N LEU A 70 -7.38 29.26 5.99
CA LEU A 70 -8.60 28.57 5.63
C LEU A 70 -9.67 28.72 6.69
N LYS A 71 -9.27 28.98 7.94
CA LYS A 71 -10.27 29.31 8.96
C LYS A 71 -10.95 30.65 8.65
N ASN A 72 -10.16 31.64 8.23
CA ASN A 72 -10.72 32.92 7.76
C ASN A 72 -11.54 32.74 6.50
N ILE A 73 -11.16 31.77 5.65
CA ILE A 73 -11.98 31.42 4.50
C ILE A 73 -13.33 30.87 4.95
N THR A 74 -13.33 30.04 5.99
CA THR A 74 -14.59 29.48 6.50
C THR A 74 -15.48 30.54 7.16
N LYS A 75 -14.88 31.61 7.70
CA LYS A 75 -15.73 32.73 8.14
C LYS A 75 -16.40 33.48 6.98
N TYR A 76 -15.87 33.38 5.76
CA TYR A 76 -16.47 34.08 4.63
C TYR A 76 -17.74 33.36 4.20
N ASN A 77 -18.89 33.97 4.47
CA ASN A 77 -20.17 33.46 4.04
C ASN A 77 -21.12 34.52 3.51
N GLY A 78 -20.82 35.80 3.68
CA GLY A 78 -21.70 36.86 3.24
C GLY A 78 -21.64 37.12 1.75
N GLN A 79 -20.47 37.49 1.25
CA GLN A 79 -20.31 37.78 -0.16
C GLN A 79 -20.21 36.52 -1.03
N ASP A 80 -20.00 35.36 -0.41
CA ASP A 80 -19.97 34.10 -1.15
C ASP A 80 -21.38 33.59 -1.38
N SER A 81 -21.60 32.98 -2.54
CA SER A 81 -22.83 32.24 -2.78
C SER A 81 -22.86 31.02 -1.87
N VAL A 82 -24.04 30.72 -1.32
CA VAL A 82 -24.21 29.62 -0.36
C VAL A 82 -25.41 28.76 -0.77
N LYS A 83 -25.17 27.76 -1.62
CA LYS A 83 -26.23 26.88 -2.12
C LYS A 83 -25.71 25.45 -2.26
N ILE A 84 -26.26 24.53 -1.45
CA ILE A 84 -26.04 23.09 -1.60
C ILE A 84 -27.39 22.39 -1.48
N THR A 85 -27.64 21.43 -2.39
CA THR A 85 -28.68 20.43 -2.20
C THR A 85 -28.04 19.04 -2.17
N SER A 86 -28.79 18.10 -1.56
CA SER A 86 -28.49 16.66 -1.51
C SER A 86 -27.21 16.30 -0.77
N CYS A 87 -26.98 15.00 -0.60
CA CYS A 87 -25.76 14.46 -0.01
C CYS A 87 -25.66 12.97 -0.30
N GLN A 88 -24.43 12.49 -0.44
CA GLN A 88 -24.13 11.07 -0.45
C GLN A 88 -22.69 10.90 0.01
N SER A 89 -22.39 9.76 0.60
CA SER A 89 -21.11 9.54 1.26
C SER A 89 -20.32 8.46 0.55
N GLU A 90 -19.04 8.74 0.27
CA GLU A 90 -18.11 7.74 -0.23
C GLU A 90 -17.00 7.46 0.78
N SER A 91 -16.23 8.50 1.16
CA SER A 91 -15.30 8.50 2.29
C SER A 91 -14.22 7.42 2.17
N TYR A 92 -13.39 7.54 1.13
CA TYR A 92 -12.35 6.54 0.95
C TYR A 92 -11.14 6.85 1.85
N GLU A 93 -10.42 7.93 1.52
CA GLU A 93 -9.23 8.43 2.22
C GLU A 93 -8.24 7.31 2.57
N SER A 94 -7.64 6.73 1.53
CA SER A 94 -6.83 5.52 1.71
C SER A 94 -5.49 5.86 2.36
N LEU A 95 -4.61 4.87 2.47
CA LEU A 95 -3.37 5.08 3.22
C LEU A 95 -2.10 4.90 2.41
N THR A 96 -2.18 4.76 1.09
CA THR A 96 -0.98 4.77 0.26
C THR A 96 -0.31 6.14 0.33
N PHE A 97 -1.14 7.17 0.50
CA PHE A 97 -0.65 8.54 0.68
C PHE A 97 0.22 8.65 1.92
N LEU A 98 -0.27 8.18 3.06
CA LEU A 98 0.53 8.25 4.27
C LEU A 98 1.68 7.26 4.23
N ALA A 99 1.52 6.16 3.48
CA ALA A 99 2.61 5.21 3.30
C ALA A 99 3.76 5.81 2.51
N THR A 100 3.48 6.71 1.57
CA THR A 100 4.54 7.41 0.86
C THR A 100 4.89 8.75 1.47
N TYR A 101 4.18 9.19 2.52
CA TYR A 101 4.51 10.44 3.19
C TYR A 101 5.28 10.25 4.48
N ILE A 102 4.72 9.56 5.46
CA ILE A 102 5.29 9.54 6.81
C ILE A 102 6.32 8.44 6.95
N VAL A 103 5.98 7.25 6.45
CA VAL A 103 6.82 6.04 6.48
C VAL A 103 8.21 6.23 5.89
N PRO A 104 8.42 7.00 4.80
CA PRO A 104 9.81 7.35 4.44
C PRO A 104 10.60 8.04 5.53
N PHE A 105 10.06 9.12 6.12
CA PHE A 105 10.85 9.94 7.04
C PHE A 105 11.12 9.26 8.37
N MET A 106 10.50 8.12 8.65
CA MET A 106 10.94 7.24 9.71
C MET A 106 11.65 6.00 9.19
N GLY A 107 11.66 5.78 7.88
CA GLY A 107 12.34 4.64 7.31
C GLY A 107 13.84 4.79 7.23
N PHE A 108 14.30 5.81 6.52
CA PHE A 108 15.73 6.02 6.31
C PHE A 108 16.38 6.70 7.52
N SER A 109 17.63 7.12 7.36
CA SER A 109 18.37 7.86 8.36
C SER A 109 18.41 9.33 8.00
N PHE A 110 18.56 10.18 9.01
CA PHE A 110 18.46 11.64 8.84
C PHE A 110 19.59 12.31 9.62
N GLU A 111 20.78 12.41 9.01
CA GLU A 111 21.90 13.10 9.62
C GLU A 111 22.46 14.22 8.75
N ASP A 112 22.84 13.94 7.50
CA ASP A 112 23.62 14.85 6.68
C ASP A 112 22.73 15.95 6.10
N MET A 113 23.20 17.20 6.19
CA MET A 113 22.43 18.30 5.62
C MET A 113 22.47 18.30 4.10
N GLN A 114 23.54 17.76 3.52
CA GLN A 114 23.64 17.67 2.06
C GLN A 114 22.60 16.72 1.50
N LYS A 115 22.36 15.60 2.17
CA LYS A 115 21.26 14.74 1.77
C LYS A 115 19.91 15.28 2.21
N ASN A 116 19.87 16.11 3.27
CA ASN A 116 18.63 16.76 3.68
C ASN A 116 18.10 17.70 2.61
N ILE A 117 19.03 18.32 1.85
CA ILE A 117 18.63 19.10 0.68
C ILE A 117 17.87 18.21 -0.32
N ALA A 118 18.38 16.99 -0.55
CA ALA A 118 17.69 16.06 -1.43
C ALA A 118 16.35 15.62 -0.86
N TYR A 119 16.22 15.53 0.47
CA TYR A 119 14.91 15.15 0.99
C TYR A 119 13.90 16.28 0.85
N LEU A 120 14.35 17.54 0.96
CA LEU A 120 13.44 18.65 0.62
C LEU A 120 13.08 18.66 -0.86
N LEU A 121 14.03 18.28 -1.73
CA LEU A 121 13.66 18.08 -3.13
C LEU A 121 12.68 16.94 -3.34
N LEU A 122 12.75 15.87 -2.51
CA LEU A 122 11.67 14.86 -2.50
C LEU A 122 10.35 15.50 -2.19
N VAL A 123 10.32 16.36 -1.16
CA VAL A 123 9.06 16.94 -0.69
C VAL A 123 8.43 17.79 -1.79
N VAL A 124 9.25 18.61 -2.46
CA VAL A 124 8.67 19.48 -3.49
C VAL A 124 8.27 18.67 -4.73
N VAL A 125 9.00 17.60 -5.09
CA VAL A 125 8.56 16.89 -6.27
C VAL A 125 7.37 15.98 -5.98
N ILE A 126 7.24 15.46 -4.75
CA ILE A 126 6.08 14.65 -4.47
C ILE A 126 4.87 15.56 -4.30
N GLY A 127 5.11 16.81 -3.92
CA GLY A 127 4.04 17.80 -3.95
C GLY A 127 3.56 18.10 -5.36
N ILE A 128 4.48 18.25 -6.32
CA ILE A 128 4.01 18.58 -7.66
C ILE A 128 3.38 17.35 -8.33
N ILE A 129 3.81 16.13 -7.96
CA ILE A 129 3.12 14.92 -8.43
C ILE A 129 1.70 14.87 -7.89
N PHE A 130 1.54 15.06 -6.58
CA PHE A 130 0.22 15.02 -5.99
C PHE A 130 -0.65 16.22 -6.36
N ILE A 131 -0.07 17.30 -6.87
CA ILE A 131 -0.86 18.38 -7.42
C ILE A 131 -1.35 18.05 -8.82
N LYS A 132 -0.48 17.51 -9.68
CA LYS A 132 -0.85 17.32 -11.09
C LYS A 132 -1.85 16.19 -11.26
N THR A 133 -1.73 15.11 -10.49
CA THR A 133 -2.58 13.94 -10.70
C THR A 133 -3.90 14.02 -9.96
N ASP A 134 -4.14 15.12 -9.23
CA ASP A 134 -5.35 15.35 -8.43
C ASP A 134 -5.54 14.25 -7.38
N LYS A 135 -4.56 14.16 -6.48
CA LYS A 135 -4.64 13.29 -5.32
C LYS A 135 -4.28 14.05 -4.05
N TYR A 136 -4.47 15.38 -4.06
CA TYR A 136 -4.24 16.22 -2.89
C TYR A 136 -5.23 15.96 -1.76
N TYR A 137 -6.49 15.65 -2.08
CA TYR A 137 -7.54 15.55 -1.06
C TYR A 137 -7.50 14.17 -0.42
N ALA A 138 -6.43 13.93 0.32
CA ALA A 138 -6.03 12.61 0.70
C ALA A 138 -5.33 12.71 2.06
N ASN A 139 -4.64 11.62 2.47
CA ASN A 139 -3.80 11.56 3.66
C ASN A 139 -4.56 11.92 4.93
N PRO A 140 -5.20 10.95 5.61
CA PRO A 140 -6.16 11.24 6.71
C PRO A 140 -5.68 12.09 7.90
N THR A 141 -4.44 12.56 7.86
CA THR A 141 -3.96 13.68 8.66
C THR A 141 -4.86 14.90 8.48
N LEU A 142 -5.42 15.09 7.28
CA LEU A 142 -6.49 16.06 7.10
C LEU A 142 -7.70 15.73 7.94
N ALA A 143 -8.09 14.45 7.99
CA ALA A 143 -9.23 14.05 8.80
C ALA A 143 -8.95 14.11 10.30
N LEU A 144 -7.67 14.21 10.69
CA LEU A 144 -7.36 14.57 12.08
C LEU A 144 -7.85 15.97 12.40
N PHE A 145 -7.82 16.88 11.43
CA PHE A 145 -8.36 18.22 11.63
C PHE A 145 -9.84 18.31 11.29
N GLY A 146 -10.62 17.36 11.81
CA GLY A 146 -12.07 17.37 11.70
C GLY A 146 -12.64 17.15 10.32
N PHE A 147 -11.82 16.86 9.32
CA PHE A 147 -12.27 16.87 7.94
C PHE A 147 -12.88 15.53 7.54
N LYS A 148 -13.90 15.59 6.70
CA LYS A 148 -14.57 14.40 6.18
C LYS A 148 -14.70 14.53 4.67
N LEU A 149 -14.63 13.41 3.97
CA LEU A 149 -14.63 13.37 2.51
C LEU A 149 -15.90 12.70 2.01
N TYR A 150 -16.62 13.38 1.12
CA TYR A 150 -17.72 12.80 0.35
C TYR A 150 -18.10 13.68 -0.84
N ARG A 151 -18.50 13.06 -1.95
CA ARG A 151 -18.92 13.79 -3.13
C ARG A 151 -20.41 14.07 -3.05
N VAL A 152 -20.80 15.28 -3.46
CA VAL A 152 -22.17 15.74 -3.36
C VAL A 152 -22.52 16.49 -4.64
N ASN A 153 -23.64 16.13 -5.26
CA ASN A 153 -24.20 16.91 -6.36
C ASN A 153 -25.00 18.10 -5.84
N ILE A 154 -24.46 19.31 -5.99
CA ILE A 154 -25.05 20.49 -5.41
C ILE A 154 -25.84 21.22 -6.48
N LEU A 155 -26.75 22.08 -6.02
CA LEU A 155 -27.52 22.96 -6.90
C LEU A 155 -27.07 24.39 -6.69
N HIS A 156 -26.72 25.05 -7.78
CA HIS A 156 -26.56 26.50 -7.81
C HIS A 156 -27.57 27.03 -8.83
N PRO A 157 -28.70 27.59 -8.37
CA PRO A 157 -29.79 27.94 -9.30
C PRO A 157 -29.43 29.05 -10.29
N GLY A 158 -28.42 29.86 -10.02
CA GLY A 158 -27.89 30.74 -11.03
C GLY A 158 -27.22 30.00 -12.17
N SER A 159 -26.60 28.86 -11.87
CA SER A 159 -25.90 28.05 -12.86
C SER A 159 -26.65 26.78 -13.22
N GLY A 160 -26.98 25.95 -12.23
CA GLY A 160 -27.71 24.73 -12.48
C GLY A 160 -27.25 23.63 -11.55
N GLU A 161 -27.56 22.39 -11.94
CA GLU A 161 -27.24 21.23 -11.14
C GLU A 161 -25.84 20.72 -11.49
N THR A 162 -25.03 20.47 -10.47
CA THR A 162 -23.72 19.87 -10.67
C THR A 162 -23.80 18.35 -10.57
N LYS A 163 -22.75 17.68 -11.04
CA LYS A 163 -22.71 16.22 -11.07
C LYS A 163 -21.62 15.75 -10.11
N ASN A 164 -22.05 15.38 -8.90
CA ASN A 164 -21.36 14.65 -7.83
C ASN A 164 -19.87 14.94 -7.66
N LEU A 165 -19.50 16.21 -7.64
CA LEU A 165 -18.10 16.57 -7.47
C LEU A 165 -17.67 16.32 -6.03
N ILE A 166 -16.41 15.93 -5.86
CA ILE A 166 -15.90 15.57 -4.53
C ILE A 166 -15.76 16.83 -3.69
N ALA A 167 -16.14 16.73 -2.43
CA ALA A 167 -16.25 17.87 -1.54
C ALA A 167 -15.52 17.60 -0.23
N ILE A 168 -15.13 18.69 0.42
CA ILE A 168 -14.45 18.65 1.71
C ILE A 168 -15.14 19.60 2.67
N SER A 169 -15.28 19.16 3.92
CA SER A 169 -15.87 19.98 4.98
C SER A 169 -15.38 19.45 6.32
N ASN A 170 -15.46 20.30 7.33
CA ASN A 170 -15.10 19.89 8.68
C ASN A 170 -16.29 19.44 9.51
N ASP A 171 -17.50 19.41 8.94
CA ASP A 171 -18.70 19.03 9.66
C ASP A 171 -19.52 18.05 8.82
N VAL A 172 -20.27 17.20 9.52
CA VAL A 172 -21.17 16.27 8.86
C VAL A 172 -22.37 17.03 8.32
N LEU A 173 -22.68 16.83 7.04
CA LEU A 173 -23.83 17.44 6.41
C LEU A 173 -24.73 16.34 5.85
N LYS A 174 -26.02 16.46 6.12
CA LYS A 174 -27.01 15.48 5.68
C LYS A 174 -27.57 15.87 4.32
N VAL A 175 -28.64 15.21 3.90
CA VAL A 175 -29.20 15.40 2.57
C VAL A 175 -30.12 16.61 2.56
N ASP A 176 -30.06 17.36 1.45
CA ASP A 176 -31.03 18.40 1.08
C ASP A 176 -31.09 19.53 2.11
N ASP A 177 -29.94 20.13 2.37
CA ASP A 177 -29.85 21.26 3.30
C ASP A 177 -29.07 22.39 2.65
N ASN A 178 -29.66 23.59 2.64
CA ASN A 178 -29.07 24.74 1.95
C ASN A 178 -27.99 25.38 2.82
N VAL A 179 -26.91 24.62 3.01
CA VAL A 179 -25.79 24.99 3.86
C VAL A 179 -24.85 25.92 3.10
N TYR A 180 -23.84 26.45 3.80
CA TYR A 180 -22.90 27.40 3.24
C TYR A 180 -21.73 26.65 2.58
N TYR A 181 -21.02 27.34 1.68
CA TYR A 181 -19.76 26.78 1.17
C TYR A 181 -18.76 27.91 0.92
N SER A 182 -17.58 27.52 0.43
CA SER A 182 -16.62 28.42 -0.21
C SER A 182 -15.86 27.62 -1.26
N PHE A 183 -15.46 28.28 -2.33
CA PHE A 183 -15.12 27.62 -3.59
C PHE A 183 -13.61 27.57 -3.78
N PHE A 184 -13.05 26.36 -3.92
CA PHE A 184 -11.61 26.24 -4.17
C PHE A 184 -11.28 26.55 -5.62
N ASP A 185 -11.75 25.71 -6.54
CA ASP A 185 -11.35 25.77 -7.93
C ASP A 185 -12.41 25.01 -8.73
N GLU A 186 -12.11 24.71 -10.00
CA GLU A 186 -13.09 24.26 -10.98
C GLU A 186 -13.71 22.90 -10.67
N PHE A 187 -13.21 22.16 -9.68
CA PHE A 187 -13.80 20.89 -9.31
C PHE A 187 -14.32 20.83 -7.87
N VAL A 188 -13.56 21.33 -6.90
CA VAL A 188 -13.92 21.10 -5.50
C VAL A 188 -14.24 22.39 -4.76
N PHE A 189 -14.65 22.25 -3.49
CA PHE A 189 -15.03 23.36 -2.63
C PHE A 189 -14.99 22.91 -1.18
N ILE A 190 -14.79 23.87 -0.29
CA ILE A 190 -14.96 23.68 1.15
C ILE A 190 -16.39 24.08 1.52
N ALA A 191 -16.95 23.39 2.51
CA ALA A 191 -18.35 23.58 2.86
C ALA A 191 -18.50 23.92 4.33
N ARG A 192 -19.59 24.62 4.63
CA ARG A 192 -19.99 24.99 5.98
C ARG A 192 -21.42 24.52 6.22
N LYS A 193 -22.01 24.98 7.32
CA LYS A 193 -23.39 24.68 7.67
C LYS A 193 -24.15 25.99 7.84
N LYS A 194 -25.40 26.01 7.41
CA LYS A 194 -26.21 27.22 7.42
C LYS A 194 -26.68 27.54 8.84
N ILE A 195 -27.17 28.77 9.00
CA ILE A 195 -27.70 29.21 10.29
C ILE A 195 -29.21 29.42 10.20
N MET B 1 -20.00 6.17 25.56
CA MET B 1 -19.15 7.20 24.96
C MET B 1 -17.70 6.94 25.32
N GLN B 2 -17.40 6.92 26.62
CA GLN B 2 -16.03 6.61 27.05
C GLN B 2 -15.73 5.13 26.89
N ARG B 3 -16.72 4.27 27.07
CA ARG B 3 -16.48 2.83 26.94
C ARG B 3 -16.27 2.42 25.49
N ASN B 4 -16.90 3.14 24.55
CA ASN B 4 -16.71 2.83 23.12
C ASN B 4 -15.28 3.16 22.69
N THR B 5 -14.77 4.33 23.10
CA THR B 5 -13.37 4.64 22.84
C THR B 5 -12.44 3.71 23.61
N TYR B 6 -12.84 3.30 24.81
CA TYR B 6 -12.02 2.43 25.64
C TYR B 6 -11.85 1.05 25.00
N ASN B 7 -12.94 0.41 24.60
CA ASN B 7 -12.76 -0.89 23.99
C ASN B 7 -12.32 -0.81 22.54
N LYS B 8 -12.47 0.36 21.90
CA LYS B 8 -11.85 0.59 20.60
C LYS B 8 -10.32 0.56 20.71
N VAL B 9 -9.78 1.34 21.65
CA VAL B 9 -8.32 1.35 21.78
C VAL B 9 -7.83 0.05 22.41
N GLY B 10 -8.68 -0.66 23.16
CA GLY B 10 -8.29 -1.97 23.65
C GLY B 10 -8.16 -2.99 22.53
N LEU B 11 -9.09 -2.95 21.56
CA LEU B 11 -8.94 -3.76 20.36
C LEU B 11 -7.69 -3.37 19.58
N TYR B 12 -7.35 -2.08 19.60
CA TYR B 12 -6.11 -1.65 18.96
C TYR B 12 -4.87 -2.21 19.67
N ILE B 13 -4.90 -2.29 21.00
CA ILE B 13 -3.80 -2.91 21.74
C ILE B 13 -3.73 -4.41 21.45
N LEU B 14 -4.88 -5.07 21.31
CA LEU B 14 -4.89 -6.47 20.90
C LEU B 14 -4.35 -6.66 19.49
N SER B 15 -4.55 -5.67 18.62
CA SER B 15 -3.91 -5.69 17.32
C SER B 15 -2.39 -5.54 17.44
N LEU B 16 -1.93 -4.68 18.34
CA LEU B 16 -0.51 -4.42 18.51
C LEU B 16 0.18 -5.38 19.47
N ALA B 17 -0.54 -6.41 19.94
CA ALA B 17 0.04 -7.38 20.88
C ALA B 17 1.22 -8.12 20.28
N MET B 18 1.17 -8.45 18.99
CA MET B 18 2.31 -9.12 18.36
C MET B 18 3.49 -8.19 18.19
N LEU B 19 3.23 -6.91 17.91
CA LEU B 19 4.28 -5.90 17.95
C LEU B 19 4.90 -5.81 19.33
N PHE B 20 4.08 -5.94 20.37
CA PHE B 20 4.59 -5.92 21.73
C PHE B 20 5.49 -7.12 21.99
N VAL B 21 5.07 -8.32 21.59
CA VAL B 21 5.88 -9.51 21.81
C VAL B 21 7.19 -9.43 21.02
N PHE B 22 7.11 -8.89 19.80
CA PHE B 22 8.31 -8.60 19.01
C PHE B 22 9.23 -7.61 19.69
N ILE B 23 8.68 -6.64 20.43
CA ILE B 23 9.59 -5.62 20.93
C ILE B 23 10.19 -6.01 22.30
N ILE B 24 9.50 -6.84 23.13
CA ILE B 24 10.23 -7.50 24.22
C ILE B 24 11.35 -8.39 23.67
N ILE B 25 11.04 -9.21 22.66
CA ILE B 25 12.08 -10.08 22.09
C ILE B 25 13.17 -9.28 21.37
N LEU B 26 12.85 -8.07 20.90
CA LEU B 26 13.80 -7.23 20.21
C LEU B 26 14.77 -6.54 21.16
N THR B 27 14.26 -5.64 22.02
CA THR B 27 15.15 -4.69 22.67
C THR B 27 15.52 -5.06 24.11
N ALA B 28 15.29 -6.30 24.50
CA ALA B 28 15.76 -6.78 25.80
C ALA B 28 17.29 -6.82 25.81
N LYS B 29 17.87 -6.49 26.97
CA LYS B 29 19.31 -6.33 27.09
C LYS B 29 19.93 -7.57 27.73
N ILE B 30 21.08 -7.97 27.20
CA ILE B 30 21.78 -9.18 27.61
C ILE B 30 22.53 -8.97 28.93
N PRO B 31 22.25 -9.76 29.97
CA PRO B 31 23.10 -9.73 31.16
C PRO B 31 24.46 -10.39 30.93
N PHE B 32 24.42 -11.65 30.48
CA PHE B 32 25.59 -12.54 30.36
C PHE B 32 26.45 -12.55 31.61
N CYS B 33 25.81 -12.72 32.77
CA CYS B 33 26.53 -12.78 34.04
C CYS B 33 25.76 -13.62 35.05
N GLY B 42 23.82 -3.63 41.49
CA GLY B 42 24.28 -3.68 40.12
C GLY B 42 23.17 -3.99 39.14
N LEU B 43 22.04 -4.46 39.66
CA LEU B 43 20.90 -4.78 38.80
C LEU B 43 20.18 -3.53 38.32
N LYS B 44 20.37 -2.40 39.01
CA LYS B 44 19.62 -1.19 38.71
C LYS B 44 20.04 -0.56 37.38
N LYS B 45 21.30 -0.73 36.98
CA LYS B 45 21.71 -0.29 35.65
C LYS B 45 21.07 -1.15 34.56
N LEU B 46 20.94 -2.46 34.82
CA LEU B 46 20.24 -3.34 33.91
C LEU B 46 18.76 -2.96 33.80
N VAL B 47 18.16 -2.58 34.94
CA VAL B 47 16.78 -2.10 34.96
C VAL B 47 16.66 -0.80 34.17
N LEU B 48 17.67 0.08 34.28
CA LEU B 48 17.70 1.30 33.49
C LEU B 48 17.81 1.01 32.00
N THR B 49 18.44 -0.10 31.64
CA THR B 49 18.41 -0.53 30.24
C THR B 49 17.16 -1.32 29.90
N ASN B 50 16.33 -1.66 30.89
CA ASN B 50 15.19 -2.53 30.72
C ASN B 50 13.91 -1.70 30.57
N ILE B 51 14.05 -0.38 30.44
CA ILE B 51 12.91 0.53 30.62
C ILE B 51 11.91 0.42 29.47
N VAL B 52 12.40 0.38 28.23
CA VAL B 52 11.54 0.14 27.07
C VAL B 52 10.98 -1.29 27.11
N PRO B 53 11.78 -2.34 27.40
CA PRO B 53 11.14 -3.66 27.59
C PRO B 53 10.11 -3.74 28.72
N ILE B 54 10.30 -3.03 29.84
CA ILE B 54 9.29 -3.17 30.89
C ILE B 54 8.04 -2.37 30.55
N VAL B 55 8.15 -1.22 29.86
CA VAL B 55 6.94 -0.49 29.52
C VAL B 55 6.15 -1.21 28.44
N CYS B 56 6.83 -1.85 27.48
CA CYS B 56 6.07 -2.65 26.53
C CYS B 56 5.63 -3.97 27.12
N PHE B 57 6.27 -4.43 28.21
CA PHE B 57 5.78 -5.61 28.91
C PHE B 57 4.48 -5.29 29.65
N VAL B 58 4.40 -4.09 30.24
CA VAL B 58 3.14 -3.62 30.82
C VAL B 58 2.07 -3.48 29.73
N PHE B 59 2.48 -3.04 28.54
CA PHE B 59 1.55 -3.02 27.40
C PHE B 59 1.08 -4.42 27.03
N PHE B 60 1.98 -5.40 27.10
CA PHE B 60 1.60 -6.78 26.77
C PHE B 60 0.64 -7.35 27.81
N LEU B 61 0.85 -7.04 29.08
CA LEU B 61 -0.13 -7.44 30.09
C LEU B 61 -1.45 -6.71 29.93
N PHE B 62 -1.43 -5.47 29.42
CA PHE B 62 -2.68 -4.80 29.06
C PHE B 62 -3.40 -5.55 27.93
N SER B 63 -2.62 -6.06 26.96
CA SER B 63 -3.22 -6.87 25.90
C SER B 63 -3.81 -8.17 26.43
N ILE B 64 -3.12 -8.80 27.40
CA ILE B 64 -3.66 -10.00 28.04
C ILE B 64 -4.95 -9.70 28.78
N TYR B 65 -4.98 -8.58 29.52
CA TYR B 65 -6.17 -8.17 30.26
C TYR B 65 -7.33 -7.88 29.32
N PHE B 66 -7.07 -7.25 28.18
CA PHE B 66 -8.20 -6.92 27.32
C PHE B 66 -8.61 -8.12 26.47
N TYR B 67 -7.69 -9.07 26.23
CA TYR B 67 -8.11 -10.34 25.63
C TYR B 67 -9.03 -11.11 26.57
N ASN B 68 -8.71 -11.11 27.87
CA ASN B 68 -9.60 -11.69 28.87
C ASN B 68 -10.92 -10.91 28.94
N ARG B 69 -10.85 -9.59 28.74
CA ARG B 69 -12.06 -8.75 28.69
C ARG B 69 -12.94 -9.12 27.50
N LEU B 70 -12.33 -9.40 26.34
CA LEU B 70 -13.09 -9.82 25.17
C LEU B 70 -13.72 -11.20 25.40
N LYS B 71 -13.00 -12.09 26.08
CA LYS B 71 -13.59 -13.37 26.46
C LYS B 71 -14.74 -13.19 27.43
N ASN B 72 -14.65 -12.20 28.32
CA ASN B 72 -15.76 -11.85 29.22
C ASN B 72 -16.94 -11.30 28.42
N ILE B 73 -16.65 -10.53 27.37
CA ILE B 73 -17.69 -10.00 26.49
C ILE B 73 -18.40 -11.13 25.76
N THR B 74 -17.65 -12.16 25.37
CA THR B 74 -18.31 -13.38 24.89
C THR B 74 -19.04 -14.12 25.99
N LYS B 75 -18.66 -13.91 27.26
CA LYS B 75 -19.21 -14.69 28.35
C LYS B 75 -20.52 -14.16 28.93
N TYR B 76 -20.88 -12.88 28.73
CA TYR B 76 -22.13 -12.46 29.35
C TYR B 76 -23.30 -12.89 28.48
N ASN B 77 -24.24 -13.62 29.09
CA ASN B 77 -25.32 -14.26 28.37
C ASN B 77 -26.67 -13.83 28.96
N GLY B 78 -26.67 -13.28 30.17
CA GLY B 78 -27.92 -12.98 30.87
C GLY B 78 -28.72 -11.86 30.22
N GLN B 79 -28.05 -10.87 29.66
CA GLN B 79 -28.72 -9.76 29.00
C GLN B 79 -28.67 -9.87 27.48
N ASP B 80 -28.44 -11.06 26.95
CA ASP B 80 -28.18 -11.24 25.53
C ASP B 80 -29.44 -11.71 24.80
N SER B 81 -29.90 -10.90 23.85
CA SER B 81 -30.92 -11.31 22.89
C SER B 81 -30.22 -11.99 21.71
N VAL B 82 -31.01 -12.65 20.85
CA VAL B 82 -30.36 -13.49 19.85
C VAL B 82 -30.48 -12.85 18.47
N LYS B 83 -31.66 -12.93 17.86
CA LYS B 83 -32.21 -12.20 16.69
C LYS B 83 -31.18 -11.87 15.58
N ILE B 84 -30.65 -12.91 14.92
CA ILE B 84 -29.72 -12.74 13.81
C ILE B 84 -30.27 -13.49 12.59
N THR B 85 -30.31 -12.81 11.44
CA THR B 85 -30.57 -13.45 10.15
C THR B 85 -29.46 -13.12 9.17
N SER B 86 -29.42 -13.91 8.08
CA SER B 86 -28.55 -13.77 6.92
C SER B 86 -27.06 -13.82 7.21
N CYS B 87 -26.24 -13.71 6.14
CA CYS B 87 -24.79 -13.59 6.18
C CYS B 87 -24.26 -13.24 4.79
N GLN B 88 -23.29 -12.31 4.73
CA GLN B 88 -22.61 -11.99 3.49
C GLN B 88 -21.12 -11.88 3.78
N SER B 89 -20.31 -12.59 3.00
CA SER B 89 -18.87 -12.63 3.23
C SER B 89 -18.25 -11.40 2.60
N GLU B 90 -17.98 -10.38 3.41
CA GLU B 90 -17.32 -9.18 2.91
C GLU B 90 -15.82 -9.40 2.79
N SER B 91 -15.15 -9.61 3.92
CA SER B 91 -13.74 -10.04 4.03
C SER B 91 -12.79 -9.06 3.33
N TYR B 92 -12.72 -7.84 3.87
CA TYR B 92 -11.88 -6.84 3.24
C TYR B 92 -10.41 -7.08 3.56
N GLU B 93 -10.03 -6.90 4.84
CA GLU B 93 -8.74 -7.29 5.41
C GLU B 93 -7.55 -6.67 4.65
N SER B 94 -7.47 -5.34 4.74
CA SER B 94 -6.45 -4.61 3.99
C SER B 94 -5.11 -4.71 4.71
N LEU B 95 -4.10 -5.29 4.04
CA LEU B 95 -2.81 -5.54 4.67
C LEU B 95 -1.91 -4.31 4.69
N THR B 96 -2.32 -3.21 4.05
CA THR B 96 -1.58 -1.96 4.16
C THR B 96 -1.56 -1.44 5.59
N PHE B 97 -2.62 -1.73 6.35
CA PHE B 97 -2.69 -1.30 7.73
C PHE B 97 -1.71 -2.08 8.59
N LEU B 98 -1.49 -3.35 8.27
CA LEU B 98 -0.38 -4.10 8.84
C LEU B 98 0.94 -3.46 8.47
N ALA B 99 1.11 -3.13 7.19
CA ALA B 99 2.36 -2.59 6.67
C ALA B 99 2.69 -1.22 7.23
N THR B 100 1.69 -0.52 7.76
CA THR B 100 1.95 0.73 8.46
C THR B 100 2.05 0.59 9.97
N TYR B 101 1.27 -0.28 10.62
CA TYR B 101 1.33 -0.32 12.07
C TYR B 101 2.47 -1.18 12.60
N ILE B 102 2.61 -2.42 12.13
CA ILE B 102 3.44 -3.35 12.88
C ILE B 102 4.89 -3.24 12.42
N VAL B 103 5.15 -2.61 11.28
CA VAL B 103 6.53 -2.36 10.85
C VAL B 103 6.88 -0.87 10.70
N PRO B 104 7.01 -0.10 11.81
CA PRO B 104 7.71 1.19 11.70
C PRO B 104 9.19 0.96 11.88
N PHE B 105 9.87 0.52 10.81
CA PHE B 105 11.25 0.01 10.84
C PHE B 105 11.35 -1.14 11.84
N MET B 106 10.30 -1.96 11.83
CA MET B 106 9.98 -2.94 12.88
C MET B 106 10.04 -2.24 14.25
N GLY B 107 9.04 -1.41 14.50
CA GLY B 107 8.77 -0.87 15.81
C GLY B 107 9.71 0.22 16.27
N PHE B 108 10.92 -0.16 16.69
CA PHE B 108 11.85 0.76 17.33
C PHE B 108 13.28 0.40 16.96
N SER B 109 14.16 1.40 17.01
CA SER B 109 15.58 1.23 16.75
C SER B 109 16.36 1.73 17.97
N PHE B 110 17.44 1.03 18.30
CA PHE B 110 18.07 1.15 19.61
C PHE B 110 19.30 2.08 19.57
N GLU B 111 19.02 3.36 19.37
CA GLU B 111 20.15 4.28 19.43
C GLU B 111 19.99 5.41 20.42
N ASP B 112 18.82 6.03 20.53
CA ASP B 112 18.70 7.25 21.28
C ASP B 112 17.35 7.23 21.98
N MET B 113 17.31 7.74 23.21
CA MET B 113 16.09 7.68 24.03
C MET B 113 15.04 8.67 23.54
N GLN B 114 15.44 9.90 23.20
CA GLN B 114 14.45 10.87 22.72
C GLN B 114 13.91 10.50 21.36
N LYS B 115 14.72 9.82 20.55
CA LYS B 115 14.23 9.22 19.31
C LYS B 115 13.24 8.08 19.60
N ASN B 116 13.46 7.32 20.67
CA ASN B 116 12.52 6.27 21.04
C ASN B 116 11.18 6.84 21.47
N ILE B 117 11.18 7.93 22.26
CA ILE B 117 9.88 8.51 22.58
C ILE B 117 9.32 9.30 21.42
N ALA B 118 10.14 9.68 20.44
CA ALA B 118 9.60 10.22 19.19
C ALA B 118 8.80 9.17 18.44
N TYR B 119 9.30 7.93 18.36
CA TYR B 119 8.46 6.85 17.83
C TYR B 119 7.28 6.52 18.75
N LEU B 120 7.39 6.77 20.05
CA LEU B 120 6.24 6.56 20.93
C LEU B 120 5.12 7.55 20.62
N LEU B 121 5.48 8.82 20.42
CA LEU B 121 4.52 9.79 19.92
C LEU B 121 4.03 9.44 18.52
N LEU B 122 4.89 8.83 17.69
CA LEU B 122 4.47 8.37 16.37
C LEU B 122 3.36 7.33 16.46
N VAL B 123 3.54 6.33 17.32
CA VAL B 123 2.55 5.27 17.36
C VAL B 123 1.29 5.73 18.10
N VAL B 124 1.36 6.68 19.03
CA VAL B 124 0.11 7.11 19.63
C VAL B 124 -0.63 8.11 18.73
N VAL B 125 0.09 8.87 17.90
CA VAL B 125 -0.57 9.69 16.88
C VAL B 125 -1.22 8.79 15.84
N ILE B 126 -0.55 7.71 15.46
CA ILE B 126 -1.14 6.71 14.57
C ILE B 126 -2.40 6.11 15.20
N GLY B 127 -2.34 5.86 16.52
CA GLY B 127 -3.52 5.35 17.22
C GLY B 127 -4.70 6.29 17.18
N ILE B 128 -4.46 7.59 17.43
CA ILE B 128 -5.59 8.52 17.46
C ILE B 128 -6.11 8.78 16.04
N ILE B 129 -5.23 8.81 15.04
CA ILE B 129 -5.71 9.08 13.69
C ILE B 129 -6.31 7.86 13.01
N PHE B 130 -6.12 6.66 13.56
CA PHE B 130 -6.94 5.58 13.01
C PHE B 130 -8.09 5.18 13.92
N ILE B 131 -8.19 5.74 15.12
CA ILE B 131 -9.47 5.56 15.81
C ILE B 131 -10.44 6.67 15.45
N LYS B 132 -9.95 7.81 14.94
CA LYS B 132 -10.87 8.87 14.56
C LYS B 132 -11.49 8.67 13.18
N THR B 133 -10.97 7.74 12.38
CA THR B 133 -11.49 7.51 11.03
C THR B 133 -12.35 6.27 10.92
N ASP B 134 -12.72 5.65 12.05
CA ASP B 134 -13.76 4.61 12.14
C ASP B 134 -13.42 3.36 11.33
N LYS B 135 -12.13 3.06 11.21
CA LYS B 135 -11.66 1.88 10.47
C LYS B 135 -10.51 1.21 11.22
N TYR B 136 -10.72 1.07 12.53
CA TYR B 136 -9.86 0.33 13.45
C TYR B 136 -9.79 -1.16 13.15
N TYR B 137 -10.82 -1.73 12.52
CA TYR B 137 -10.94 -3.17 12.33
C TYR B 137 -10.21 -3.63 11.06
N ALA B 138 -8.94 -3.28 10.93
CA ALA B 138 -8.27 -3.40 9.64
C ALA B 138 -7.16 -4.43 9.59
N ASN B 139 -6.51 -4.71 10.71
CA ASN B 139 -5.27 -5.45 10.67
C ASN B 139 -5.51 -6.94 10.42
N PRO B 140 -4.61 -7.63 9.75
CA PRO B 140 -4.65 -9.09 9.78
C PRO B 140 -3.89 -9.67 10.96
N THR B 141 -4.01 -9.07 12.13
CA THR B 141 -3.57 -9.71 13.37
C THR B 141 -4.74 -10.15 14.22
N LEU B 142 -5.92 -9.60 13.95
CA LEU B 142 -7.13 -10.13 14.56
C LEU B 142 -7.43 -11.52 14.02
N ALA B 143 -7.13 -11.76 12.74
CA ALA B 143 -7.29 -13.08 12.17
C ALA B 143 -6.25 -14.06 12.69
N LEU B 144 -5.15 -13.57 13.24
CA LEU B 144 -4.18 -14.45 13.88
C LEU B 144 -4.75 -15.11 15.12
N PHE B 145 -5.61 -14.40 15.86
CA PHE B 145 -6.28 -14.98 17.00
C PHE B 145 -7.47 -15.84 16.63
N GLY B 146 -7.84 -15.87 15.34
CA GLY B 146 -8.91 -16.73 14.88
C GLY B 146 -10.17 -16.02 14.44
N PHE B 147 -10.21 -14.69 14.52
CA PHE B 147 -11.38 -13.95 14.09
C PHE B 147 -11.48 -13.88 12.58
N LYS B 148 -12.69 -13.75 12.08
CA LYS B 148 -12.94 -13.50 10.67
C LYS B 148 -13.97 -12.37 10.54
N LEU B 149 -13.89 -11.65 9.43
CA LEU B 149 -14.59 -10.38 9.29
C LEU B 149 -15.46 -10.43 8.05
N TYR B 150 -16.73 -10.06 8.21
CA TYR B 150 -17.72 -10.06 7.15
C TYR B 150 -18.97 -9.30 7.59
N ARG B 151 -19.70 -8.77 6.60
CA ARG B 151 -20.73 -7.77 6.80
C ARG B 151 -22.10 -8.40 6.61
N VAL B 152 -22.95 -8.30 7.63
CA VAL B 152 -24.25 -8.98 7.67
C VAL B 152 -25.34 -7.95 7.99
N ASN B 153 -26.46 -8.03 7.28
CA ASN B 153 -27.64 -7.26 7.63
C ASN B 153 -28.42 -7.95 8.76
N ILE B 154 -28.82 -7.16 9.76
CA ILE B 154 -29.43 -7.65 11.00
C ILE B 154 -30.75 -6.94 11.20
N LEU B 155 -31.76 -7.66 11.68
CA LEU B 155 -32.96 -7.04 12.21
C LEU B 155 -32.87 -7.02 13.73
N HIS B 156 -33.53 -6.05 14.33
CA HIS B 156 -33.54 -5.93 15.77
C HIS B 156 -34.80 -6.53 16.34
N PRO B 157 -34.78 -6.98 17.61
CA PRO B 157 -36.04 -7.40 18.24
C PRO B 157 -37.00 -6.26 18.47
N GLY B 158 -36.50 -5.08 18.81
CA GLY B 158 -37.34 -3.92 18.98
C GLY B 158 -37.39 -3.03 17.75
N SER B 159 -36.22 -2.71 17.20
CA SER B 159 -36.12 -1.86 16.03
C SER B 159 -36.22 -2.73 14.77
N GLY B 160 -35.91 -2.14 13.62
CA GLY B 160 -36.05 -2.78 12.34
C GLY B 160 -34.75 -3.34 11.81
N GLU B 161 -34.60 -3.32 10.49
CA GLU B 161 -33.44 -3.89 9.83
C GLU B 161 -32.28 -2.90 9.82
N THR B 162 -31.08 -3.41 10.02
CA THR B 162 -29.87 -2.61 9.90
C THR B 162 -29.57 -2.34 8.43
N LYS B 163 -28.55 -1.51 8.19
CA LYS B 163 -28.12 -1.15 6.85
C LYS B 163 -26.66 -1.57 6.69
N ASN B 164 -26.46 -2.83 6.30
CA ASN B 164 -25.17 -3.48 5.96
C ASN B 164 -24.00 -3.18 6.90
N LEU B 165 -24.22 -3.41 8.20
CA LEU B 165 -23.21 -3.11 9.20
C LEU B 165 -22.16 -4.22 9.26
N ILE B 166 -21.00 -3.87 9.82
CA ILE B 166 -19.88 -4.79 9.96
C ILE B 166 -20.02 -5.59 11.24
N ALA B 167 -19.73 -6.89 11.18
CA ALA B 167 -19.77 -7.76 12.33
C ALA B 167 -18.44 -8.48 12.46
N ILE B 168 -18.12 -8.89 13.68
CA ILE B 168 -16.88 -9.59 13.99
C ILE B 168 -17.21 -10.78 14.89
N SER B 169 -16.62 -11.94 14.58
CA SER B 169 -16.85 -13.13 15.39
C SER B 169 -15.63 -14.04 15.29
N ASN B 170 -15.50 -14.92 16.29
CA ASN B 170 -14.46 -15.93 16.31
C ASN B 170 -14.95 -17.23 15.69
N ASP B 171 -16.08 -17.73 16.19
CA ASP B 171 -16.66 -18.97 15.71
C ASP B 171 -17.27 -18.79 14.32
N VAL B 172 -17.41 -19.89 13.60
CA VAL B 172 -17.91 -19.87 12.23
C VAL B 172 -19.42 -19.67 12.25
N LEU B 173 -19.91 -18.76 11.40
CA LEU B 173 -21.34 -18.48 11.30
C LEU B 173 -21.74 -18.41 9.84
N LYS B 174 -22.97 -18.80 9.55
CA LYS B 174 -23.46 -18.92 8.17
C LYS B 174 -24.72 -18.12 7.96
N VAL B 175 -25.37 -18.32 6.81
CA VAL B 175 -26.60 -17.58 6.50
C VAL B 175 -27.75 -18.07 7.38
N ASP B 176 -28.74 -17.16 7.57
CA ASP B 176 -29.98 -17.21 8.37
C ASP B 176 -29.87 -18.04 9.64
N ASP B 177 -28.78 -17.86 10.38
CA ASP B 177 -28.58 -18.56 11.65
C ASP B 177 -28.85 -17.60 12.81
N ASN B 178 -29.72 -18.03 13.72
CA ASN B 178 -30.17 -17.21 14.84
C ASN B 178 -29.20 -17.43 16.00
N VAL B 179 -28.29 -16.47 16.22
CA VAL B 179 -27.12 -16.66 17.07
C VAL B 179 -26.95 -15.45 17.99
N TYR B 180 -26.01 -15.55 18.94
CA TYR B 180 -25.81 -14.47 19.90
C TYR B 180 -25.04 -13.29 19.30
N TYR B 181 -24.99 -12.21 20.08
CA TYR B 181 -24.34 -10.96 19.69
C TYR B 181 -23.89 -10.21 20.95
N SER B 182 -23.06 -9.19 20.74
CA SER B 182 -22.71 -8.20 21.75
C SER B 182 -22.86 -6.81 21.17
N PHE B 183 -22.45 -5.78 21.90
CA PHE B 183 -22.69 -4.40 21.45
C PHE B 183 -21.40 -3.61 21.68
N PHE B 184 -20.55 -3.57 20.66
CA PHE B 184 -19.27 -2.86 20.75
C PHE B 184 -19.50 -1.36 20.80
N ASP B 185 -20.09 -0.80 19.76
CA ASP B 185 -20.53 0.60 19.78
C ASP B 185 -21.87 0.68 19.07
N GLU B 186 -22.26 1.89 18.69
CA GLU B 186 -23.51 2.07 17.95
C GLU B 186 -23.41 1.60 16.50
N PHE B 187 -22.24 1.21 16.03
CA PHE B 187 -22.05 0.84 14.64
C PHE B 187 -21.69 -0.64 14.48
N VAL B 188 -20.59 -1.09 15.09
CA VAL B 188 -20.06 -2.43 14.85
C VAL B 188 -20.32 -3.26 16.12
N PHE B 189 -20.34 -4.59 15.98
CA PHE B 189 -20.70 -5.46 17.10
C PHE B 189 -20.03 -6.82 16.97
N ILE B 190 -19.92 -7.51 18.11
CA ILE B 190 -19.31 -8.84 18.21
C ILE B 190 -20.42 -9.88 18.30
N ALA B 191 -20.28 -10.98 17.55
CA ALA B 191 -21.24 -12.07 17.56
C ALA B 191 -20.60 -13.38 18.00
N ARG B 192 -21.46 -14.33 18.38
CA ARG B 192 -21.05 -15.70 18.70
C ARG B 192 -22.08 -16.62 18.04
N LYS B 193 -22.13 -17.88 18.49
CA LYS B 193 -23.09 -18.86 18.01
C LYS B 193 -24.05 -19.27 19.14
N LYS B 194 -25.32 -19.43 18.80
CA LYS B 194 -26.30 -19.89 19.78
C LYS B 194 -26.15 -21.38 20.05
N ILE B 195 -26.02 -21.73 21.32
CA ILE B 195 -25.85 -23.11 21.75
C ILE B 195 -27.19 -23.83 21.80
N MET C 1 6.14 -8.18 -31.50
CA MET C 1 6.87 -9.18 -30.72
C MET C 1 8.19 -8.63 -30.19
N GLN C 2 9.19 -8.55 -31.08
CA GLN C 2 10.50 -8.04 -30.68
C GLN C 2 10.46 -6.53 -30.46
N ARG C 3 9.83 -5.79 -31.37
CA ARG C 3 9.78 -4.34 -31.26
C ARG C 3 8.80 -3.87 -30.20
N ASN C 4 7.86 -4.72 -29.80
CA ASN C 4 6.87 -4.31 -28.80
C ASN C 4 7.49 -4.21 -27.41
N THR C 5 8.37 -5.15 -27.07
CA THR C 5 8.88 -5.24 -25.70
C THR C 5 9.87 -4.12 -25.39
N TYR C 6 10.69 -3.74 -26.36
CA TYR C 6 11.68 -2.68 -26.12
C TYR C 6 11.01 -1.32 -25.97
N ASN C 7 9.88 -1.10 -26.64
CA ASN C 7 9.11 0.09 -26.35
C ASN C 7 8.28 -0.06 -25.08
N LYS C 8 7.94 -1.29 -24.69
CA LYS C 8 7.18 -1.51 -23.46
C LYS C 8 8.02 -1.22 -22.23
N VAL C 9 9.32 -1.52 -22.29
CA VAL C 9 10.18 -1.28 -21.13
C VAL C 9 10.53 0.19 -21.00
N GLY C 10 10.30 0.99 -22.05
CA GLY C 10 10.65 2.40 -21.99
C GLY C 10 9.73 3.21 -21.10
N LEU C 11 8.49 2.77 -20.94
CA LEU C 11 7.58 3.45 -20.02
C LEU C 11 8.05 3.30 -18.58
N TYR C 12 8.47 2.09 -18.20
CA TYR C 12 9.04 1.90 -16.87
C TYR C 12 10.37 2.62 -16.69
N ILE C 13 11.24 2.59 -17.71
CA ILE C 13 12.54 3.20 -17.54
C ILE C 13 12.48 4.72 -17.60
N LEU C 14 11.39 5.29 -18.12
CA LEU C 14 11.16 6.72 -18.01
C LEU C 14 10.37 7.06 -16.76
N SER C 15 9.69 6.07 -16.16
CA SER C 15 9.05 6.30 -14.87
C SER C 15 10.07 6.41 -13.74
N LEU C 16 11.29 5.92 -13.95
CA LEU C 16 12.36 6.07 -12.98
C LEU C 16 13.33 7.18 -13.36
N ALA C 17 12.89 8.10 -14.23
CA ALA C 17 13.78 9.15 -14.72
C ALA C 17 14.17 10.12 -13.62
N MET C 18 13.21 10.55 -12.81
CA MET C 18 13.52 11.45 -11.71
C MET C 18 14.26 10.76 -10.58
N LEU C 19 14.19 9.43 -10.49
CA LEU C 19 14.95 8.69 -9.48
C LEU C 19 16.44 8.86 -9.68
N PHE C 20 16.88 8.90 -10.94
CA PHE C 20 18.29 9.13 -11.25
C PHE C 20 18.73 10.55 -10.87
N VAL C 21 17.81 11.51 -10.86
CA VAL C 21 18.15 12.89 -10.56
C VAL C 21 18.52 13.06 -9.08
N PHE C 22 17.98 12.25 -8.19
CA PHE C 22 18.39 12.40 -6.80
C PHE C 22 19.56 11.53 -6.41
N ILE C 23 19.85 10.47 -7.15
CA ILE C 23 20.99 9.61 -6.82
C ILE C 23 22.30 10.37 -7.04
N ILE C 24 22.34 11.26 -8.04
CA ILE C 24 23.50 12.12 -8.20
C ILE C 24 23.57 13.19 -7.10
N ILE C 25 22.48 13.43 -6.39
CA ILE C 25 22.48 14.38 -5.29
C ILE C 25 22.72 13.69 -3.95
N LEU C 26 22.08 12.53 -3.76
CA LEU C 26 22.22 11.77 -2.52
C LEU C 26 23.64 11.26 -2.34
N THR C 27 24.26 10.78 -3.40
CA THR C 27 25.64 10.31 -3.37
C THR C 27 26.57 11.30 -4.07
N ALA C 28 26.32 12.59 -3.89
CA ALA C 28 27.14 13.64 -4.49
C ALA C 28 28.47 13.69 -3.77
N LYS C 29 29.51 13.14 -4.41
CA LYS C 29 30.86 13.17 -3.85
C LYS C 29 31.65 14.40 -4.29
N ILE C 30 31.08 15.20 -5.21
CA ILE C 30 31.67 16.44 -5.75
C ILE C 30 33.07 16.23 -6.34
N GLY C 42 44.83 11.29 -12.92
CA GLY C 42 44.82 12.46 -12.04
C GLY C 42 43.48 12.67 -11.36
N LEU C 43 42.51 13.17 -12.12
CA LEU C 43 41.18 13.42 -11.60
C LEU C 43 40.25 12.22 -11.73
N LYS C 44 40.75 11.08 -12.21
CA LYS C 44 39.92 9.89 -12.33
C LYS C 44 39.63 9.25 -10.98
N LYS C 45 40.41 9.59 -9.94
CA LYS C 45 40.11 9.09 -8.61
C LYS C 45 38.85 9.73 -8.06
N LEU C 46 38.54 10.97 -8.46
CA LEU C 46 37.26 11.57 -8.12
C LEU C 46 36.11 10.83 -8.80
N VAL C 47 36.34 10.37 -10.03
CA VAL C 47 35.34 9.63 -10.78
C VAL C 47 35.12 8.25 -10.15
N LEU C 48 36.19 7.63 -9.65
CA LEU C 48 36.12 6.28 -9.12
C LEU C 48 35.37 6.20 -7.80
N THR C 49 35.28 7.30 -7.05
CA THR C 49 34.48 7.29 -5.83
C THR C 49 32.99 7.28 -6.13
N ASN C 50 32.54 8.16 -7.01
CA ASN C 50 31.11 8.35 -7.26
C ASN C 50 30.67 7.59 -8.50
N ILE C 51 30.71 6.26 -8.41
CA ILE C 51 30.27 5.47 -9.56
C ILE C 51 28.74 5.42 -9.65
N VAL C 52 28.02 5.46 -8.52
CA VAL C 52 26.56 5.44 -8.57
C VAL C 52 25.90 6.73 -9.06
N PRO C 53 26.47 7.95 -8.96
CA PRO C 53 25.89 9.03 -9.77
C PRO C 53 26.13 8.88 -11.26
N ILE C 54 27.35 8.52 -11.65
CA ILE C 54 27.69 8.57 -13.07
C ILE C 54 27.08 7.39 -13.83
N VAL C 55 26.72 6.31 -13.13
CA VAL C 55 26.04 5.24 -13.86
C VAL C 55 24.58 5.62 -14.13
N CYS C 56 23.91 6.26 -13.18
CA CYS C 56 22.51 6.63 -13.35
C CYS C 56 22.35 7.91 -14.14
N PHE C 57 23.42 8.68 -14.31
CA PHE C 57 23.42 9.79 -15.25
C PHE C 57 23.31 9.28 -16.68
N VAL C 58 23.81 8.07 -16.94
CA VAL C 58 23.69 7.48 -18.26
C VAL C 58 22.24 7.11 -18.57
N PHE C 59 21.54 6.48 -17.62
CA PHE C 59 20.12 6.24 -17.84
C PHE C 59 19.28 7.50 -17.72
N PHE C 60 19.80 8.55 -17.08
CA PHE C 60 19.17 9.86 -17.21
C PHE C 60 19.23 10.32 -18.65
N LEU C 61 20.37 10.11 -19.32
CA LEU C 61 20.47 10.40 -20.74
C LEU C 61 19.62 9.44 -21.56
N PHE C 62 19.45 8.19 -21.10
CA PHE C 62 18.55 7.26 -21.77
C PHE C 62 17.10 7.67 -21.59
N SER C 63 16.76 8.30 -20.46
CA SER C 63 15.41 8.79 -20.26
C SER C 63 15.09 9.93 -21.21
N ILE C 64 16.06 10.82 -21.46
CA ILE C 64 15.92 11.83 -22.49
C ILE C 64 15.86 11.17 -23.87
N TYR C 65 16.64 10.11 -24.05
CA TYR C 65 16.71 9.41 -25.34
C TYR C 65 15.38 8.77 -25.71
N PHE C 66 14.69 8.17 -24.73
CA PHE C 66 13.40 7.56 -25.04
C PHE C 66 12.32 8.63 -25.14
N TYR C 67 12.49 9.77 -24.45
CA TYR C 67 11.54 10.86 -24.54
C TYR C 67 11.48 11.46 -25.93
N ASN C 68 12.64 11.59 -26.58
CA ASN C 68 12.63 11.97 -28.00
C ASN C 68 12.23 10.81 -28.89
N ARG C 69 12.45 9.58 -28.43
CA ARG C 69 12.06 8.41 -29.23
C ARG C 69 10.55 8.25 -29.28
N LEU C 70 9.86 8.47 -28.14
CA LEU C 70 8.41 8.35 -28.13
C LEU C 70 7.74 9.46 -28.92
N LYS C 71 8.38 10.63 -29.01
CA LYS C 71 7.88 11.68 -29.89
C LYS C 71 8.04 11.28 -31.35
N ASN C 72 9.07 10.50 -31.68
CA ASN C 72 9.23 9.98 -33.03
C ASN C 72 8.15 8.93 -33.32
N ILE C 73 7.74 8.18 -32.30
CA ILE C 73 6.64 7.21 -32.46
C ILE C 73 5.35 7.93 -32.78
N THR C 74 5.08 9.05 -32.10
CA THR C 74 3.92 9.88 -32.43
C THR C 74 4.06 10.51 -33.80
N LYS C 75 5.25 10.97 -34.15
CA LYS C 75 5.51 11.66 -35.41
C LYS C 75 6.11 10.72 -36.45
N TYR C 76 5.63 9.47 -36.48
CA TYR C 76 6.14 8.43 -37.37
C TYR C 76 5.94 8.79 -38.84
N ASN C 77 4.69 8.84 -39.28
CA ASN C 77 4.34 9.25 -40.64
C ASN C 77 2.86 9.61 -40.66
N GLY C 78 2.31 9.77 -41.86
CA GLY C 78 0.94 10.22 -42.00
C GLY C 78 -0.05 9.18 -42.50
N GLN C 79 0.45 8.08 -43.08
CA GLN C 79 -0.46 7.06 -43.62
C GLN C 79 -1.12 6.26 -42.51
N ASP C 80 -0.49 6.18 -41.35
CA ASP C 80 -1.10 5.52 -40.19
C ASP C 80 -1.95 6.54 -39.44
N SER C 81 -2.37 6.16 -38.22
CA SER C 81 -3.03 7.04 -37.26
C SER C 81 -4.36 7.59 -37.80
N VAL C 82 -5.30 6.70 -38.07
CA VAL C 82 -6.51 7.07 -38.80
C VAL C 82 -7.60 7.64 -37.90
N LYS C 83 -8.15 6.82 -36.99
CA LYS C 83 -9.43 7.19 -36.41
C LYS C 83 -9.67 6.46 -35.09
N ILE C 84 -10.33 7.15 -34.16
CA ILE C 84 -10.90 6.57 -32.94
C ILE C 84 -12.33 7.09 -32.84
N THR C 85 -13.30 6.21 -32.61
CA THR C 85 -14.67 6.69 -32.47
C THR C 85 -14.96 7.25 -31.07
N SER C 86 -14.90 6.41 -30.04
CA SER C 86 -15.43 6.77 -28.74
C SER C 86 -14.31 7.15 -27.78
N CYS C 87 -14.71 7.52 -26.55
CA CYS C 87 -13.76 7.87 -25.50
C CYS C 87 -14.45 7.75 -24.15
N GLN C 88 -13.65 7.42 -23.13
CA GLN C 88 -14.08 7.44 -21.75
C GLN C 88 -12.86 7.69 -20.88
N SER C 89 -13.07 7.79 -19.56
CA SER C 89 -12.00 8.16 -18.64
C SER C 89 -11.99 7.25 -17.43
N GLU C 90 -10.79 6.87 -16.98
CA GLU C 90 -10.61 6.18 -15.72
C GLU C 90 -9.73 6.96 -14.73
N SER C 91 -8.54 7.39 -15.16
CA SER C 91 -7.64 8.29 -14.42
C SER C 91 -7.29 7.78 -13.01
N TYR C 92 -6.79 6.54 -12.94
CA TYR C 92 -6.53 5.96 -11.63
C TYR C 92 -5.21 6.44 -11.03
N GLU C 93 -4.09 6.08 -11.68
CA GLU C 93 -2.72 6.30 -11.19
C GLU C 93 -2.54 5.76 -9.76
N SER C 94 -2.69 4.44 -9.65
CA SER C 94 -2.71 3.78 -8.35
C SER C 94 -1.35 3.84 -7.67
N LEU C 95 -1.36 4.16 -6.37
CA LEU C 95 -0.18 4.53 -5.62
C LEU C 95 0.44 3.38 -4.84
N THR C 96 0.07 2.15 -5.12
CA THR C 96 0.85 1.02 -4.61
C THR C 96 2.20 0.96 -5.32
N PHE C 97 2.24 1.40 -6.58
CA PHE C 97 3.49 1.40 -7.33
C PHE C 97 4.45 2.47 -6.83
N LEU C 98 3.94 3.63 -6.45
CA LEU C 98 4.75 4.54 -5.68
C LEU C 98 4.88 4.00 -4.25
N ALA C 99 5.90 4.52 -3.54
CA ALA C 99 6.45 4.03 -2.27
C ALA C 99 7.01 2.62 -2.37
N THR C 100 7.19 2.10 -3.59
CA THR C 100 7.82 0.82 -3.82
C THR C 100 8.85 0.96 -4.93
N TYR C 101 8.69 1.97 -5.78
CA TYR C 101 9.48 2.08 -7.00
C TYR C 101 10.41 3.29 -6.99
N ILE C 102 9.92 4.46 -6.57
CA ILE C 102 10.75 5.66 -6.53
C ILE C 102 11.24 5.88 -5.11
N VAL C 103 10.31 5.84 -4.16
CA VAL C 103 10.63 6.23 -2.77
C VAL C 103 11.63 5.31 -2.06
N PRO C 104 11.41 3.96 -1.94
CA PRO C 104 12.17 3.19 -0.93
C PRO C 104 13.67 3.07 -1.19
N PHE C 105 14.15 3.44 -2.38
CA PHE C 105 15.58 3.48 -2.61
C PHE C 105 16.24 4.57 -1.76
N MET C 106 15.55 5.69 -1.54
CA MET C 106 16.01 6.60 -0.51
C MET C 106 15.73 6.07 0.88
N GLY C 107 14.68 5.27 1.05
CA GLY C 107 14.51 4.54 2.29
C GLY C 107 15.63 3.56 2.52
N PHE C 108 16.15 2.97 1.44
CA PHE C 108 17.40 2.25 1.48
C PHE C 108 18.55 3.25 1.62
N SER C 109 19.71 2.77 2.06
CA SER C 109 20.85 3.66 2.25
C SER C 109 22.00 3.23 1.36
N PHE C 110 22.72 4.20 0.79
CA PHE C 110 23.83 3.95 -0.11
C PHE C 110 25.12 4.37 0.59
N GLU C 111 25.85 3.41 1.15
CA GLU C 111 27.11 3.73 1.80
C GLU C 111 28.21 2.74 1.44
N ASP C 112 27.83 1.53 1.01
CA ASP C 112 28.78 0.44 0.86
C ASP C 112 28.67 -0.11 -0.56
N MET C 113 29.75 -0.74 -1.03
CA MET C 113 29.81 -1.14 -2.44
C MET C 113 28.90 -2.33 -2.74
N GLN C 114 28.93 -3.38 -1.90
CA GLN C 114 28.28 -4.63 -2.28
C GLN C 114 26.77 -4.55 -2.20
N LYS C 115 26.23 -3.65 -1.38
CA LYS C 115 24.79 -3.43 -1.40
C LYS C 115 24.36 -2.68 -2.65
N ASN C 116 25.22 -1.80 -3.16
CA ASN C 116 24.86 -0.95 -4.30
C ASN C 116 24.63 -1.74 -5.57
N ILE C 117 25.41 -2.80 -5.80
CA ILE C 117 25.05 -3.75 -6.84
C ILE C 117 23.76 -4.48 -6.48
N ALA C 118 23.61 -4.87 -5.20
CA ALA C 118 22.48 -5.68 -4.78
C ALA C 118 21.15 -4.93 -4.89
N TYR C 119 21.15 -3.61 -4.67
CA TYR C 119 19.90 -2.90 -4.89
C TYR C 119 19.61 -2.68 -6.37
N LEU C 120 20.64 -2.73 -7.22
CA LEU C 120 20.40 -2.66 -8.66
C LEU C 120 19.77 -3.94 -9.18
N LEU C 121 20.08 -5.09 -8.56
CA LEU C 121 19.29 -6.28 -8.86
C LEU C 121 17.87 -6.17 -8.34
N LEU C 122 17.64 -5.38 -7.28
CA LEU C 122 16.29 -5.16 -6.81
C LEU C 122 15.50 -4.30 -7.77
N VAL C 123 16.19 -3.49 -8.59
CA VAL C 123 15.53 -2.73 -9.64
C VAL C 123 14.98 -3.67 -10.71
N VAL C 124 15.81 -4.61 -11.16
CA VAL C 124 15.45 -5.43 -12.31
C VAL C 124 14.38 -6.44 -11.95
N VAL C 125 14.50 -7.07 -10.77
CA VAL C 125 13.52 -8.07 -10.36
C VAL C 125 12.16 -7.46 -10.07
N ILE C 126 12.12 -6.15 -9.81
CA ILE C 126 10.85 -5.44 -9.83
C ILE C 126 10.29 -5.42 -11.25
N GLY C 127 11.13 -5.05 -12.21
CA GLY C 127 10.64 -4.80 -13.56
C GLY C 127 10.28 -6.05 -14.33
N ILE C 128 10.91 -7.18 -13.99
CA ILE C 128 10.55 -8.44 -14.62
C ILE C 128 9.15 -8.85 -14.17
N ILE C 129 8.84 -8.66 -12.90
CA ILE C 129 7.47 -8.84 -12.42
C ILE C 129 6.55 -7.80 -13.05
N PHE C 130 6.98 -6.55 -13.06
CA PHE C 130 6.10 -5.43 -13.39
C PHE C 130 5.70 -5.43 -14.86
N ILE C 131 6.56 -5.96 -15.73
CA ILE C 131 6.17 -6.14 -17.12
C ILE C 131 5.13 -7.24 -17.25
N LYS C 132 5.36 -8.38 -16.58
CA LYS C 132 4.48 -9.53 -16.73
C LYS C 132 3.15 -9.35 -16.02
N THR C 133 3.07 -8.47 -15.02
CA THR C 133 1.77 -8.16 -14.43
C THR C 133 0.94 -7.22 -15.28
N ASP C 134 1.53 -6.62 -16.32
CA ASP C 134 0.87 -5.72 -17.28
C ASP C 134 0.26 -4.52 -16.54
N LYS C 135 1.13 -3.82 -15.80
CA LYS C 135 0.73 -2.68 -14.99
C LYS C 135 1.53 -1.43 -15.32
N TYR C 136 2.15 -1.40 -16.49
CA TYR C 136 3.04 -0.31 -16.92
C TYR C 136 2.29 0.90 -17.45
N TYR C 137 1.01 1.05 -17.11
CA TYR C 137 0.23 2.24 -17.39
C TYR C 137 -0.32 2.85 -16.10
N ALA C 138 0.44 2.77 -15.01
CA ALA C 138 -0.10 3.16 -13.71
C ALA C 138 0.81 4.04 -12.86
N ASN C 139 2.07 4.22 -13.24
CA ASN C 139 2.96 5.04 -12.43
C ASN C 139 2.61 6.52 -12.58
N PRO C 140 2.39 7.24 -11.47
CA PRO C 140 2.17 8.69 -11.56
C PRO C 140 3.40 9.46 -11.97
N THR C 141 4.59 8.87 -11.84
CA THR C 141 5.79 9.48 -12.36
C THR C 141 5.75 9.62 -13.87
N LEU C 142 5.10 8.67 -14.55
CA LEU C 142 4.84 8.84 -15.97
C LEU C 142 3.83 9.96 -16.21
N ALA C 143 2.90 10.14 -15.28
CA ALA C 143 1.94 11.24 -15.39
C ALA C 143 2.55 12.58 -15.02
N LEU C 144 3.75 12.59 -14.43
CA LEU C 144 4.43 13.85 -14.13
C LEU C 144 4.85 14.57 -15.40
N PHE C 145 5.09 13.84 -16.48
CA PHE C 145 5.54 14.41 -17.73
C PHE C 145 4.41 15.08 -18.53
N GLY C 146 3.23 15.25 -17.95
CA GLY C 146 2.10 15.86 -18.62
C GLY C 146 1.05 14.88 -19.10
N PHE C 147 1.23 13.59 -18.85
CA PHE C 147 0.34 12.59 -19.42
C PHE C 147 -0.85 12.36 -18.49
N LYS C 148 -2.05 12.36 -19.06
CA LYS C 148 -3.25 11.96 -18.34
C LYS C 148 -3.79 10.70 -19.00
N LEU C 149 -4.12 9.70 -18.19
CA LEU C 149 -4.16 8.32 -18.61
C LEU C 149 -5.58 7.79 -18.45
N TYR C 150 -6.09 7.14 -19.49
CA TYR C 150 -7.53 6.86 -19.57
C TYR C 150 -7.79 5.79 -20.61
N ARG C 151 -8.64 4.83 -20.26
CA ARG C 151 -9.00 3.74 -21.16
C ARG C 151 -9.97 4.25 -22.23
N VAL C 152 -9.85 3.69 -23.43
CA VAL C 152 -10.65 4.10 -24.58
C VAL C 152 -11.10 2.86 -25.34
N ASN C 153 -12.40 2.76 -25.62
CA ASN C 153 -12.90 1.83 -26.62
C ASN C 153 -12.73 2.43 -28.00
N ILE C 154 -12.10 1.69 -28.91
CA ILE C 154 -11.77 2.22 -30.24
C ILE C 154 -12.47 1.38 -31.30
N LEU C 155 -12.64 2.01 -32.47
CA LEU C 155 -13.12 1.35 -33.67
C LEU C 155 -12.24 1.78 -34.84
N HIS C 156 -11.37 0.87 -35.28
CA HIS C 156 -10.62 1.10 -36.50
C HIS C 156 -11.58 0.99 -37.70
N PRO C 157 -11.30 1.74 -38.78
CA PRO C 157 -12.13 1.58 -39.98
C PRO C 157 -12.07 0.20 -40.60
N GLY C 158 -10.87 -0.36 -40.79
CA GLY C 158 -10.74 -1.67 -41.38
C GLY C 158 -11.00 -2.82 -40.43
N SER C 159 -10.91 -2.57 -39.13
CA SER C 159 -11.04 -3.61 -38.12
C SER C 159 -12.35 -3.44 -37.34
N GLY C 160 -12.53 -4.32 -36.35
CA GLY C 160 -13.71 -4.31 -35.52
C GLY C 160 -13.53 -3.46 -34.26
N GLU C 161 -14.55 -3.49 -33.42
CA GLU C 161 -14.55 -2.72 -32.19
C GLU C 161 -13.85 -3.47 -31.08
N THR C 162 -12.82 -2.86 -30.51
CA THR C 162 -12.11 -3.45 -29.38
C THR C 162 -12.83 -3.14 -28.08
N LYS C 163 -12.40 -3.79 -27.00
CA LYS C 163 -13.09 -3.73 -25.73
C LYS C 163 -12.17 -3.16 -24.66
N ASN C 164 -12.43 -1.89 -24.29
CA ASN C 164 -11.81 -1.12 -23.19
C ASN C 164 -10.29 -1.24 -23.12
N LEU C 165 -9.62 -1.02 -24.24
CA LEU C 165 -8.17 -0.97 -24.20
C LEU C 165 -7.70 0.37 -23.63
N ILE C 166 -6.41 0.44 -23.34
CA ILE C 166 -5.82 1.52 -22.54
C ILE C 166 -5.15 2.50 -23.48
N ALA C 167 -5.41 3.80 -23.28
CA ALA C 167 -4.81 4.86 -24.09
C ALA C 167 -3.91 5.74 -23.23
N ILE C 168 -2.85 6.25 -23.86
CA ILE C 168 -1.90 7.17 -23.23
C ILE C 168 -1.93 8.46 -24.04
N SER C 169 -2.11 9.59 -23.37
CA SER C 169 -2.15 10.86 -24.08
C SER C 169 -1.51 11.96 -23.24
N ASN C 170 -0.68 12.77 -23.90
CA ASN C 170 -0.15 13.97 -23.26
C ASN C 170 -1.19 15.08 -23.21
N ASP C 171 -1.68 15.50 -24.37
CA ASP C 171 -2.67 16.56 -24.45
C ASP C 171 -4.09 16.02 -24.20
N VAL C 172 -4.99 16.93 -23.85
CA VAL C 172 -6.33 16.57 -23.40
C VAL C 172 -7.20 16.27 -24.62
N LEU C 173 -8.09 15.27 -24.48
CA LEU C 173 -9.02 14.90 -25.53
C LEU C 173 -10.44 14.88 -24.98
N LYS C 174 -11.41 15.20 -25.83
CA LYS C 174 -12.81 15.13 -25.43
C LYS C 174 -13.37 13.76 -25.80
N VAL C 175 -14.69 13.61 -25.69
CA VAL C 175 -15.39 12.34 -25.86
C VAL C 175 -16.02 12.32 -27.26
N ASP C 176 -15.90 11.17 -27.94
CA ASP C 176 -16.55 10.88 -29.22
C ASP C 176 -16.04 11.78 -30.34
N ASP C 177 -14.73 11.76 -30.58
CA ASP C 177 -14.09 12.54 -31.63
C ASP C 177 -13.08 11.68 -32.40
N ASN C 178 -13.04 11.88 -33.72
CA ASN C 178 -12.14 11.14 -34.59
C ASN C 178 -10.77 11.81 -34.59
N VAL C 179 -9.80 11.18 -33.92
CA VAL C 179 -8.53 11.80 -33.59
C VAL C 179 -7.39 10.87 -34.01
N TYR C 180 -6.17 11.27 -33.63
CA TYR C 180 -4.95 10.58 -34.04
C TYR C 180 -4.50 9.60 -32.96
N TYR C 181 -3.60 8.68 -33.33
CA TYR C 181 -3.04 7.77 -32.35
C TYR C 181 -1.62 7.36 -32.75
N SER C 182 -1.03 6.49 -31.91
CA SER C 182 0.22 5.80 -32.19
C SER C 182 0.28 4.58 -31.28
N PHE C 183 1.16 3.63 -31.61
CA PHE C 183 1.14 2.30 -30.99
C PHE C 183 2.35 2.07 -30.11
N PHE C 184 2.11 1.54 -28.90
CA PHE C 184 3.11 0.71 -28.23
C PHE C 184 3.12 -0.68 -28.85
N ASP C 185 1.99 -1.36 -28.74
CA ASP C 185 1.77 -2.67 -29.33
C ASP C 185 0.34 -2.70 -29.82
N GLU C 186 -0.19 -3.92 -30.03
CA GLU C 186 -1.57 -4.07 -30.46
C GLU C 186 -2.57 -3.64 -29.39
N PHE C 187 -2.23 -3.82 -28.11
CA PHE C 187 -3.20 -3.59 -27.04
C PHE C 187 -3.25 -2.13 -26.59
N VAL C 188 -2.15 -1.61 -26.02
CA VAL C 188 -2.13 -0.25 -25.48
C VAL C 188 -1.48 0.67 -26.49
N PHE C 189 -1.95 1.91 -26.53
CA PHE C 189 -1.60 2.81 -27.62
C PHE C 189 -1.52 4.25 -27.14
N ILE C 190 -0.76 5.05 -27.88
CA ILE C 190 -0.58 6.48 -27.65
C ILE C 190 -1.75 7.17 -28.32
N ALA C 191 -2.24 8.28 -27.76
CA ALA C 191 -3.26 9.09 -28.42
C ALA C 191 -2.82 10.54 -28.49
N ARG C 192 -3.23 11.23 -29.55
CA ARG C 192 -3.00 12.66 -29.70
C ARG C 192 -4.15 13.24 -30.53
N LYS C 193 -4.00 14.49 -30.96
CA LYS C 193 -5.10 15.31 -31.45
C LYS C 193 -4.99 15.54 -32.95
N LYS C 194 -6.14 15.46 -33.64
CA LYS C 194 -6.22 15.65 -35.07
C LYS C 194 -6.18 17.14 -35.44
N ILE C 195 -5.34 17.49 -36.41
CA ILE C 195 -5.26 18.85 -36.91
C ILE C 195 -6.51 19.23 -37.70
N MET D 1 -6.49 -32.86 6.81
CA MET D 1 -6.15 -31.63 7.53
C MET D 1 -4.66 -31.34 7.42
N GLN D 2 -3.84 -32.37 7.66
CA GLN D 2 -2.39 -32.19 7.61
C GLN D 2 -1.90 -32.03 6.18
N ARG D 3 -2.39 -32.88 5.27
CA ARG D 3 -1.94 -32.83 3.88
C ARG D 3 -2.56 -31.69 3.09
N ASN D 4 -3.57 -31.02 3.62
CA ASN D 4 -4.05 -29.77 3.04
C ASN D 4 -3.24 -28.56 3.51
N THR D 5 -2.37 -28.73 4.51
CA THR D 5 -1.59 -27.63 5.05
C THR D 5 -0.12 -27.66 4.69
N TYR D 6 0.45 -28.84 4.44
CA TYR D 6 1.87 -28.90 4.10
C TYR D 6 2.11 -28.41 2.68
N ASN D 7 1.22 -28.74 1.75
CA ASN D 7 1.27 -28.16 0.41
C ASN D 7 0.79 -26.72 0.39
N LYS D 8 0.11 -26.28 1.45
CA LYS D 8 -0.45 -24.93 1.49
C LYS D 8 0.66 -23.90 1.66
N VAL D 9 1.59 -24.17 2.58
CA VAL D 9 2.67 -23.23 2.85
C VAL D 9 3.69 -23.22 1.73
N GLY D 10 3.65 -24.23 0.84
CA GLY D 10 4.68 -24.38 -0.16
C GLY D 10 4.69 -23.28 -1.20
N LEU D 11 3.52 -22.74 -1.54
CA LEU D 11 3.48 -21.58 -2.42
C LEU D 11 4.08 -20.36 -1.74
N TYR D 12 3.82 -20.21 -0.44
CA TYR D 12 4.34 -19.06 0.31
C TYR D 12 5.86 -19.15 0.42
N ILE D 13 6.40 -20.34 0.66
CA ILE D 13 7.84 -20.51 0.69
C ILE D 13 8.41 -20.28 -0.71
N LEU D 14 7.67 -20.70 -1.73
CA LEU D 14 8.05 -20.37 -3.11
C LEU D 14 7.92 -18.88 -3.37
N SER D 15 6.95 -18.23 -2.71
CA SER D 15 6.78 -16.79 -2.90
C SER D 15 7.88 -15.99 -2.24
N LEU D 16 8.53 -16.54 -1.23
CA LEU D 16 9.62 -15.83 -0.58
C LEU D 16 10.97 -16.14 -1.21
N ALA D 17 11.00 -16.92 -2.29
CA ALA D 17 12.27 -17.33 -2.89
C ALA D 17 12.98 -16.14 -3.52
N MET D 18 12.22 -15.17 -4.03
CA MET D 18 12.85 -13.99 -4.62
C MET D 18 13.45 -13.10 -3.54
N LEU D 19 12.86 -13.14 -2.33
CA LEU D 19 13.46 -12.44 -1.20
C LEU D 19 14.79 -13.06 -0.79
N PHE D 20 14.87 -14.40 -0.81
CA PHE D 20 15.97 -15.11 -0.17
C PHE D 20 17.30 -14.90 -0.87
N VAL D 21 17.30 -14.58 -2.17
CA VAL D 21 18.54 -14.40 -2.89
C VAL D 21 19.24 -13.09 -2.49
N PHE D 22 18.49 -12.13 -1.95
CA PHE D 22 19.09 -10.85 -1.57
C PHE D 22 20.03 -10.97 -0.38
N ILE D 23 19.75 -11.88 0.55
CA ILE D 23 20.52 -11.95 1.79
C ILE D 23 21.96 -12.39 1.51
N ILE D 24 22.16 -13.27 0.52
CA ILE D 24 23.49 -13.65 0.10
C ILE D 24 24.25 -12.45 -0.45
N ILE D 25 23.59 -11.64 -1.28
CA ILE D 25 24.24 -10.47 -1.86
C ILE D 25 24.05 -9.23 -0.99
N LEU D 26 23.44 -9.37 0.19
CA LEU D 26 23.48 -8.31 1.20
C LEU D 26 24.46 -8.63 2.31
N THR D 27 24.77 -9.91 2.54
CA THR D 27 25.68 -10.32 3.61
C THR D 27 26.88 -10.99 2.95
N ALA D 28 27.96 -10.22 2.76
CA ALA D 28 29.17 -10.72 2.12
C ALA D 28 30.37 -10.35 2.99
N LYS D 29 30.66 -11.20 3.98
CA LYS D 29 31.87 -11.04 4.78
C LYS D 29 32.96 -11.88 4.12
N ILE D 30 33.49 -11.34 3.03
CA ILE D 30 34.52 -12.01 2.24
C ILE D 30 35.33 -10.98 1.48
N ILE D 41 43.04 -20.45 5.09
CA ILE D 41 41.75 -19.79 5.28
C ILE D 41 41.04 -20.39 6.49
N GLY D 42 40.60 -19.51 7.39
CA GLY D 42 39.95 -19.93 8.61
C GLY D 42 38.50 -20.28 8.41
N LEU D 43 38.25 -21.50 7.91
CA LEU D 43 36.91 -21.93 7.52
C LEU D 43 35.94 -21.99 8.71
N LYS D 44 36.48 -22.18 9.92
CA LYS D 44 35.66 -22.09 11.11
C LYS D 44 35.20 -20.66 11.36
N LYS D 45 36.06 -19.69 11.03
CA LYS D 45 35.70 -18.28 11.22
C LYS D 45 34.77 -17.78 10.13
N LEU D 46 34.90 -18.27 8.90
CA LEU D 46 34.01 -17.85 7.81
C LEU D 46 32.58 -18.30 8.06
N VAL D 47 32.39 -19.53 8.55
CA VAL D 47 31.04 -19.95 8.90
C VAL D 47 30.57 -19.30 10.19
N LEU D 48 31.49 -18.77 11.00
CA LEU D 48 31.10 -18.01 12.18
C LEU D 48 30.70 -16.59 11.80
N THR D 49 31.51 -15.91 10.99
CA THR D 49 31.19 -14.56 10.57
C THR D 49 30.02 -14.54 9.60
N ASN D 50 30.06 -15.40 8.59
CA ASN D 50 28.92 -15.56 7.67
C ASN D 50 28.04 -16.72 8.14
N ILE D 51 27.46 -16.54 9.32
CA ILE D 51 26.49 -17.51 9.82
C ILE D 51 25.12 -17.28 9.20
N VAL D 52 24.81 -16.06 8.78
CA VAL D 52 23.49 -15.77 8.21
C VAL D 52 23.29 -16.24 6.76
N PRO D 53 24.26 -16.23 5.81
CA PRO D 53 23.89 -16.76 4.48
C PRO D 53 23.78 -18.28 4.45
N ILE D 54 24.56 -18.97 5.29
CA ILE D 54 24.58 -20.42 5.27
C ILE D 54 23.36 -21.02 5.96
N VAL D 55 22.62 -20.24 6.72
CA VAL D 55 21.38 -20.74 7.31
C VAL D 55 20.15 -20.36 6.48
N CYS D 56 20.27 -19.39 5.58
CA CYS D 56 19.15 -19.05 4.72
C CYS D 56 19.26 -19.66 3.33
N PHE D 57 20.41 -20.26 3.00
CA PHE D 57 20.57 -20.91 1.71
C PHE D 57 19.75 -22.18 1.62
N VAL D 58 19.48 -22.82 2.77
CA VAL D 58 18.68 -24.03 2.78
C VAL D 58 17.22 -23.73 2.43
N PHE D 59 16.74 -22.52 2.73
CA PHE D 59 15.41 -22.12 2.29
C PHE D 59 15.35 -21.92 0.78
N PHE D 60 16.46 -21.53 0.16
CA PHE D 60 16.53 -21.56 -1.29
C PHE D 60 16.44 -22.99 -1.79
N LEU D 61 17.06 -23.93 -1.07
CA LEU D 61 16.94 -25.34 -1.41
C LEU D 61 15.55 -25.88 -1.12
N PHE D 62 14.88 -25.35 -0.08
CA PHE D 62 13.49 -25.71 0.19
C PHE D 62 12.57 -25.25 -0.92
N SER D 63 12.77 -24.02 -1.40
CA SER D 63 11.85 -23.42 -2.38
C SER D 63 11.95 -24.12 -3.73
N ILE D 64 13.16 -24.47 -4.15
CA ILE D 64 13.35 -25.21 -5.40
C ILE D 64 12.74 -26.60 -5.29
N TYR D 65 12.85 -27.21 -4.11
CA TYR D 65 12.21 -28.49 -3.86
C TYR D 65 10.69 -28.38 -3.93
N PHE D 66 10.13 -27.28 -3.42
CA PHE D 66 8.70 -27.05 -3.60
C PHE D 66 8.36 -26.69 -5.03
N TYR D 67 9.28 -26.01 -5.74
CA TYR D 67 9.07 -25.71 -7.14
C TYR D 67 9.03 -26.97 -7.98
N ASN D 68 9.91 -27.93 -7.68
CA ASN D 68 9.85 -29.23 -8.34
C ASN D 68 8.62 -30.00 -7.88
N ARG D 69 8.21 -29.81 -6.63
CA ARG D 69 7.00 -30.46 -6.11
C ARG D 69 5.75 -29.93 -6.82
N LEU D 70 5.71 -28.61 -7.07
CA LEU D 70 4.52 -28.00 -7.65
C LEU D 70 4.32 -28.45 -9.09
N LYS D 71 5.41 -28.62 -9.85
CA LYS D 71 5.30 -29.16 -11.19
C LYS D 71 5.06 -30.67 -11.19
N ASN D 72 5.42 -31.37 -10.12
CA ASN D 72 5.18 -32.80 -10.04
C ASN D 72 3.73 -33.14 -9.75
N ILE D 73 2.97 -32.20 -9.17
CA ILE D 73 1.53 -32.38 -9.02
C ILE D 73 0.87 -32.41 -10.38
N THR D 74 1.37 -31.58 -11.31
CA THR D 74 0.88 -31.62 -12.68
C THR D 74 1.38 -32.85 -13.44
N LYS D 75 2.40 -33.54 -12.94
CA LYS D 75 2.89 -34.72 -13.65
C LYS D 75 1.94 -35.89 -13.47
N TYR D 76 1.15 -35.90 -12.39
CA TYR D 76 0.17 -36.96 -12.13
C TYR D 76 -0.98 -36.81 -13.12
N ASN D 77 -1.00 -37.68 -14.13
CA ASN D 77 -2.00 -37.61 -15.19
C ASN D 77 -2.78 -38.90 -15.37
N GLY D 78 -2.53 -39.92 -14.56
CA GLY D 78 -3.23 -41.18 -14.71
C GLY D 78 -4.56 -41.27 -14.01
N GLN D 79 -4.95 -40.25 -13.25
CA GLN D 79 -6.16 -40.33 -12.43
C GLN D 79 -6.96 -39.03 -12.41
N ASP D 80 -6.57 -38.01 -13.15
CA ASP D 80 -7.20 -36.70 -13.05
C ASP D 80 -8.49 -36.63 -13.89
N SER D 81 -9.39 -35.73 -13.47
CA SER D 81 -10.63 -35.46 -14.18
C SER D 81 -10.45 -34.22 -15.05
N VAL D 82 -11.34 -34.07 -16.02
CA VAL D 82 -11.02 -33.31 -17.23
C VAL D 82 -11.98 -32.17 -17.61
N LYS D 83 -12.90 -31.78 -16.73
CA LYS D 83 -13.99 -30.89 -17.16
C LYS D 83 -13.83 -29.48 -16.61
N ILE D 84 -13.92 -28.49 -17.51
CA ILE D 84 -13.97 -27.06 -17.17
C ILE D 84 -15.05 -26.41 -18.02
N THR D 85 -15.94 -25.64 -17.38
CA THR D 85 -16.85 -24.77 -18.06
C THR D 85 -16.42 -23.32 -17.91
N SER D 86 -16.44 -22.57 -19.02
CA SER D 86 -16.21 -21.12 -19.11
C SER D 86 -14.82 -20.68 -18.66
N CYS D 87 -14.55 -19.37 -18.77
CA CYS D 87 -13.31 -18.79 -18.28
C CYS D 87 -13.50 -17.31 -18.03
N GLN D 88 -12.64 -16.76 -17.17
CA GLN D 88 -12.63 -15.33 -16.88
C GLN D 88 -11.27 -14.97 -16.30
N SER D 89 -10.51 -14.13 -17.00
CA SER D 89 -9.20 -13.69 -16.54
C SER D 89 -9.37 -12.40 -15.75
N GLU D 90 -9.36 -12.50 -14.43
CA GLU D 90 -9.50 -11.32 -13.60
C GLU D 90 -8.19 -10.55 -13.46
N SER D 91 -7.08 -11.28 -13.25
CA SER D 91 -5.71 -10.74 -13.26
C SER D 91 -5.50 -9.60 -12.26
N TYR D 92 -5.81 -9.87 -10.99
CA TYR D 92 -5.50 -8.85 -9.97
C TYR D 92 -4.01 -8.81 -9.68
N GLU D 93 -3.51 -9.88 -9.06
CA GLU D 93 -2.12 -10.04 -8.62
C GLU D 93 -1.67 -8.81 -7.81
N SER D 94 -2.29 -8.67 -6.64
CA SER D 94 -2.22 -7.47 -5.80
C SER D 94 -0.80 -7.12 -5.38
N LEU D 95 -0.31 -5.97 -5.84
CA LEU D 95 1.07 -5.55 -5.60
C LEU D 95 1.33 -5.11 -4.17
N THR D 96 0.30 -4.96 -3.34
CA THR D 96 0.50 -4.51 -1.96
C THR D 96 1.26 -5.50 -1.10
N PHE D 97 1.33 -6.78 -1.52
CA PHE D 97 1.98 -7.79 -0.71
C PHE D 97 3.49 -7.68 -0.78
N LEU D 98 4.00 -7.21 -1.93
CA LEU D 98 5.41 -6.84 -2.04
C LEU D 98 5.75 -5.69 -1.11
N ALA D 99 4.80 -4.78 -0.88
CA ALA D 99 4.99 -3.66 0.03
C ALA D 99 4.80 -4.04 1.50
N THR D 100 4.55 -5.31 1.81
CA THR D 100 4.43 -5.76 3.17
C THR D 100 5.55 -6.68 3.64
N TYR D 101 6.05 -7.56 2.79
CA TYR D 101 6.87 -8.67 3.27
C TYR D 101 8.31 -8.65 2.82
N ILE D 102 8.61 -7.95 1.73
CA ILE D 102 9.96 -7.93 1.17
C ILE D 102 10.65 -6.59 1.39
N VAL D 103 9.91 -5.49 1.28
CA VAL D 103 10.46 -4.19 1.65
C VAL D 103 10.90 -4.06 3.12
N PRO D 104 10.17 -4.54 4.16
CA PRO D 104 10.57 -4.14 5.53
C PRO D 104 11.84 -4.80 6.03
N PHE D 105 12.39 -5.74 5.26
CA PHE D 105 13.73 -6.26 5.49
C PHE D 105 14.73 -5.43 4.71
N MET D 106 14.76 -4.13 5.03
CA MET D 106 15.87 -3.28 4.60
C MET D 106 16.99 -3.45 5.61
N GLY D 107 18.14 -3.94 5.15
CA GLY D 107 19.21 -4.35 6.03
C GLY D 107 18.78 -5.49 6.94
N PHE D 108 18.61 -6.68 6.36
CA PHE D 108 18.05 -7.83 7.07
C PHE D 108 18.95 -8.31 8.20
N SER D 109 20.24 -7.97 8.17
CA SER D 109 21.25 -8.59 9.01
C SER D 109 22.03 -7.52 9.77
N PHE D 110 21.33 -6.67 10.53
CA PHE D 110 21.98 -5.51 11.14
C PHE D 110 22.93 -5.85 12.29
N GLU D 111 23.96 -6.66 11.98
CA GLU D 111 25.17 -6.87 12.77
C GLU D 111 24.94 -7.32 14.21
N ASP D 112 23.84 -8.01 14.48
CA ASP D 112 23.57 -8.55 15.81
C ASP D 112 22.61 -9.71 15.67
N MET D 113 23.04 -10.89 16.16
CA MET D 113 22.24 -12.10 16.00
C MET D 113 21.00 -12.11 16.89
N GLN D 114 21.02 -11.38 18.02
CA GLN D 114 19.82 -11.26 18.84
C GLN D 114 18.74 -10.49 18.11
N LYS D 115 19.12 -9.45 17.37
CA LYS D 115 18.19 -8.77 16.49
C LYS D 115 17.69 -9.70 15.40
N ASN D 116 18.60 -10.50 14.83
CA ASN D 116 18.26 -11.37 13.71
C ASN D 116 17.34 -12.50 14.10
N ILE D 117 17.19 -12.80 15.39
CA ILE D 117 16.14 -13.69 15.84
C ILE D 117 14.77 -13.10 15.52
N ALA D 118 14.60 -11.81 15.82
CA ALA D 118 13.30 -11.16 15.64
C ALA D 118 12.93 -11.00 14.18
N TYR D 119 13.91 -10.79 13.30
CA TYR D 119 13.63 -10.74 11.87
C TYR D 119 13.17 -12.10 11.36
N LEU D 120 13.83 -13.17 11.82
CA LEU D 120 13.37 -14.51 11.50
C LEU D 120 12.09 -14.85 12.26
N LEU D 121 11.87 -14.20 13.41
CA LEU D 121 10.59 -14.36 14.08
C LEU D 121 9.48 -13.67 13.30
N LEU D 122 9.80 -12.56 12.63
CA LEU D 122 8.79 -11.84 11.85
C LEU D 122 8.27 -12.68 10.69
N VAL D 123 9.16 -13.37 9.97
CA VAL D 123 8.77 -14.03 8.74
C VAL D 123 7.92 -15.27 9.01
N VAL D 124 8.00 -15.85 10.21
CA VAL D 124 7.15 -17.00 10.50
C VAL D 124 5.82 -16.59 11.11
N VAL D 125 5.77 -15.50 11.89
CA VAL D 125 4.51 -15.02 12.44
C VAL D 125 3.58 -14.54 11.33
N ILE D 126 4.12 -13.83 10.34
CA ILE D 126 3.32 -13.49 9.17
C ILE D 126 3.00 -14.70 8.32
N GLY D 127 3.68 -15.84 8.55
CA GLY D 127 3.29 -17.07 7.90
C GLY D 127 1.90 -17.52 8.29
N ILE D 128 1.59 -17.52 9.59
CA ILE D 128 0.25 -17.90 10.02
C ILE D 128 -0.74 -16.81 9.63
N ILE D 129 -0.30 -15.55 9.63
CA ILE D 129 -1.15 -14.43 9.22
C ILE D 129 -1.59 -14.56 7.78
N PHE D 130 -0.66 -14.78 6.88
CA PHE D 130 -0.95 -14.58 5.49
C PHE D 130 -1.47 -15.86 4.83
N ILE D 131 -1.46 -16.97 5.54
CA ILE D 131 -2.20 -18.17 5.12
C ILE D 131 -3.65 -18.12 5.59
N LYS D 132 -3.87 -17.86 6.88
CA LYS D 132 -5.22 -17.88 7.43
C LYS D 132 -6.09 -16.75 6.91
N THR D 133 -5.52 -15.68 6.36
CA THR D 133 -6.33 -14.68 5.69
C THR D 133 -6.68 -15.07 4.26
N ASP D 134 -6.05 -16.14 3.74
CA ASP D 134 -6.35 -16.73 2.43
C ASP D 134 -6.13 -15.71 1.31
N LYS D 135 -4.90 -15.18 1.24
CA LYS D 135 -4.52 -14.23 0.20
C LYS D 135 -3.17 -14.59 -0.43
N TYR D 136 -2.75 -15.85 -0.33
CA TYR D 136 -1.39 -16.23 -0.73
C TYR D 136 -1.20 -16.23 -2.24
N TYR D 137 -2.27 -16.28 -3.02
CA TYR D 137 -2.18 -16.41 -4.46
C TYR D 137 -2.08 -15.07 -5.18
N ALA D 138 -2.02 -13.96 -4.46
CA ALA D 138 -1.94 -12.65 -5.08
C ALA D 138 -0.62 -11.94 -4.81
N ASN D 139 0.33 -12.62 -4.19
CA ASN D 139 1.65 -12.05 -3.98
C ASN D 139 2.38 -12.03 -5.31
N PRO D 140 2.81 -10.85 -5.80
CA PRO D 140 3.32 -10.77 -7.19
C PRO D 140 4.64 -11.46 -7.45
N THR D 141 5.29 -12.03 -6.43
CA THR D 141 6.45 -12.88 -6.66
C THR D 141 6.08 -14.17 -7.38
N LEU D 142 4.84 -14.63 -7.24
CA LEU D 142 4.41 -15.85 -7.94
C LEU D 142 4.28 -15.61 -9.43
N ALA D 143 4.09 -14.35 -9.85
CA ALA D 143 4.02 -14.04 -11.27
C ALA D 143 5.40 -14.05 -11.93
N LEU D 144 6.47 -14.10 -11.15
CA LEU D 144 7.81 -14.26 -11.72
C LEU D 144 7.95 -15.60 -12.43
N PHE D 145 7.26 -16.62 -11.94
CA PHE D 145 7.32 -17.96 -12.50
C PHE D 145 6.20 -18.21 -13.49
N GLY D 146 5.65 -17.15 -14.07
CA GLY D 146 4.66 -17.27 -15.13
C GLY D 146 3.32 -17.77 -14.70
N PHE D 147 2.92 -17.53 -13.45
CA PHE D 147 1.67 -18.05 -12.93
C PHE D 147 0.54 -17.06 -13.16
N LYS D 148 -0.45 -17.47 -13.94
CA LYS D 148 -1.56 -16.60 -14.33
C LYS D 148 -2.77 -16.90 -13.45
N LEU D 149 -3.47 -15.85 -13.04
CA LEU D 149 -4.53 -15.94 -12.05
C LEU D 149 -5.85 -15.48 -12.66
N TYR D 150 -6.94 -16.11 -12.22
CA TYR D 150 -8.21 -16.16 -12.95
C TYR D 150 -9.26 -16.88 -12.12
N ARG D 151 -10.52 -16.47 -12.29
CA ARG D 151 -11.67 -17.16 -11.71
C ARG D 151 -12.41 -17.93 -12.80
N VAL D 152 -12.68 -19.20 -12.54
CA VAL D 152 -13.46 -20.04 -13.45
C VAL D 152 -14.46 -20.84 -12.62
N ASN D 153 -15.72 -20.81 -13.04
CA ASN D 153 -16.76 -21.67 -12.49
C ASN D 153 -16.82 -22.96 -13.30
N ILE D 154 -16.12 -24.00 -12.84
CA ILE D 154 -16.10 -25.27 -13.57
C ILE D 154 -17.36 -26.06 -13.25
N LEU D 155 -17.58 -27.12 -14.03
CA LEU D 155 -18.57 -28.14 -13.72
C LEU D 155 -17.85 -29.44 -13.44
N HIS D 156 -18.22 -30.09 -12.34
CA HIS D 156 -17.54 -31.36 -12.09
C HIS D 156 -18.23 -32.48 -12.84
N PRO D 157 -17.48 -33.50 -13.29
CA PRO D 157 -18.14 -34.67 -13.92
C PRO D 157 -19.09 -35.42 -12.98
N GLY D 158 -18.76 -35.48 -11.70
CA GLY D 158 -19.63 -36.15 -10.74
C GLY D 158 -20.57 -35.20 -10.00
N SER D 159 -20.01 -34.14 -9.41
CA SER D 159 -20.80 -33.22 -8.61
C SER D 159 -21.27 -32.04 -9.47
N GLY D 160 -21.79 -31.01 -8.83
CA GLY D 160 -22.46 -29.92 -9.51
C GLY D 160 -21.56 -28.78 -9.92
N GLU D 161 -22.18 -27.61 -10.09
CA GLU D 161 -21.51 -26.44 -10.62
C GLU D 161 -20.81 -25.66 -9.51
N THR D 162 -19.61 -25.17 -9.81
CA THR D 162 -18.84 -24.36 -8.88
C THR D 162 -19.16 -22.87 -9.08
N LYS D 163 -18.69 -22.06 -8.13
CA LYS D 163 -18.98 -20.62 -8.11
C LYS D 163 -17.68 -19.83 -8.22
N ASN D 164 -17.26 -19.59 -9.47
CA ASN D 164 -16.15 -18.73 -9.93
C ASN D 164 -14.92 -18.78 -9.02
N LEU D 165 -14.42 -20.00 -8.81
CA LEU D 165 -13.33 -20.21 -7.88
C LEU D 165 -12.02 -19.68 -8.43
N ILE D 166 -11.21 -19.12 -7.53
CA ILE D 166 -9.89 -18.59 -7.87
C ILE D 166 -8.99 -19.76 -8.24
N ALA D 167 -8.23 -19.64 -9.32
CA ALA D 167 -7.30 -20.68 -9.70
C ALA D 167 -5.99 -20.08 -10.19
N ILE D 168 -4.88 -20.72 -9.82
CA ILE D 168 -3.54 -20.33 -10.24
C ILE D 168 -2.94 -21.46 -11.05
N SER D 169 -2.32 -21.10 -12.19
CA SER D 169 -1.69 -22.06 -13.07
C SER D 169 -0.70 -21.30 -13.96
N ASN D 170 0.18 -22.06 -14.61
CA ASN D 170 1.24 -21.46 -15.40
C ASN D 170 0.84 -21.21 -16.85
N ASP D 171 -0.35 -21.62 -17.26
CA ASP D 171 -0.72 -21.64 -18.67
C ASP D 171 -1.99 -20.83 -18.92
N VAL D 172 -2.05 -20.22 -20.09
CA VAL D 172 -3.18 -19.40 -20.48
C VAL D 172 -4.32 -20.29 -20.94
N LEU D 173 -5.51 -20.06 -20.41
CA LEU D 173 -6.67 -20.87 -20.70
C LEU D 173 -7.65 -20.13 -21.60
N LYS D 174 -8.21 -20.83 -22.57
CA LYS D 174 -9.29 -20.28 -23.36
C LYS D 174 -10.63 -20.51 -22.65
N VAL D 175 -11.70 -20.05 -23.27
CA VAL D 175 -13.02 -20.15 -22.66
C VAL D 175 -13.60 -21.54 -22.91
N ASP D 176 -14.02 -22.19 -21.83
CA ASP D 176 -14.68 -23.50 -21.83
C ASP D 176 -13.81 -24.58 -22.48
N ASP D 177 -12.66 -24.80 -21.87
CA ASP D 177 -11.68 -25.76 -22.34
C ASP D 177 -11.58 -26.93 -21.36
N ASN D 178 -12.11 -28.08 -21.79
CA ASN D 178 -12.06 -29.29 -20.98
C ASN D 178 -10.65 -29.86 -21.03
N VAL D 179 -9.84 -29.51 -20.03
CA VAL D 179 -8.44 -29.92 -19.96
C VAL D 179 -8.20 -30.55 -18.59
N TYR D 180 -6.97 -30.94 -18.28
CA TYR D 180 -6.73 -31.56 -16.98
C TYR D 180 -6.48 -30.51 -15.91
N TYR D 181 -6.55 -30.96 -14.65
CA TYR D 181 -6.31 -30.11 -13.49
C TYR D 181 -5.98 -31.01 -12.30
N SER D 182 -5.84 -30.39 -11.12
CA SER D 182 -5.65 -31.10 -9.86
C SER D 182 -6.09 -30.18 -8.74
N PHE D 183 -6.99 -30.65 -7.89
CA PHE D 183 -7.57 -29.79 -6.87
C PHE D 183 -6.59 -29.55 -5.73
N PHE D 184 -6.61 -28.34 -5.18
CA PHE D 184 -5.81 -27.97 -4.02
C PHE D 184 -6.66 -27.94 -2.77
N ASP D 185 -7.76 -27.18 -2.80
CA ASP D 185 -8.84 -27.31 -1.83
C ASP D 185 -10.12 -26.92 -2.57
N GLU D 186 -11.17 -26.61 -1.83
CA GLU D 186 -12.39 -26.10 -2.45
C GLU D 186 -12.42 -24.57 -2.50
N PHE D 187 -11.27 -23.91 -2.34
CA PHE D 187 -11.11 -22.50 -2.67
C PHE D 187 -10.22 -22.26 -3.88
N VAL D 188 -9.09 -22.97 -4.01
CA VAL D 188 -8.21 -22.81 -5.16
C VAL D 188 -7.80 -24.20 -5.66
N PHE D 189 -7.25 -24.23 -6.87
CA PHE D 189 -6.77 -25.47 -7.47
C PHE D 189 -5.69 -25.14 -8.51
N ILE D 190 -5.12 -26.19 -9.09
CA ILE D 190 -4.05 -26.09 -10.08
C ILE D 190 -4.55 -26.76 -11.36
N ALA D 191 -4.32 -26.11 -12.50
CA ALA D 191 -4.83 -26.56 -13.78
C ALA D 191 -3.70 -27.08 -14.68
N ARG D 192 -4.09 -27.51 -15.88
CA ARG D 192 -3.17 -28.08 -16.85
C ARG D 192 -3.77 -27.86 -18.24
N LYS D 193 -3.23 -28.52 -19.26
CA LYS D 193 -3.77 -28.51 -20.60
C LYS D 193 -3.88 -29.94 -21.14
N LYS D 194 -4.86 -30.15 -22.01
CA LYS D 194 -5.12 -31.44 -22.62
C LYS D 194 -4.28 -31.62 -23.89
N ILE D 195 -3.67 -32.80 -24.00
CA ILE D 195 -2.87 -33.14 -25.17
C ILE D 195 -3.77 -33.56 -26.32
#